data_3GBH
#
_entry.id   3GBH
#
_cell.length_a   61.850
_cell.length_b   86.150
_cell.length_c   160.900
_cell.angle_alpha   90.000
_cell.angle_beta   90.000
_cell.angle_gamma   90.000
#
_symmetry.space_group_name_H-M   'P 21 21 21'
#
loop_
_entity.id
_entity.type
_entity.pdbx_description
1 polymer 'NAD(P)H-flavin oxidoreductase'
2 non-polymer 'FLAVIN MONONUCLEOTIDE'
3 non-polymer 'UNKNOWN LIGAND'
4 non-polymer GLYCEROL
5 non-polymer 'TRIETHYLENE GLYCOL'
6 non-polymer 'CALCIUM ION'
7 water water
#
_entity_poly.entity_id   1
_entity_poly.type   'polypeptide(L)'
_entity_poly.pdbx_seq_one_letter_code
;G(MSE)QKLTRINDFNEVLNSRKSVKVFDENYKIPREE(MSE)DEIITKATKAPSSVN(MSE)QPWRIAVVQSDE(MSE)
KEKVKESFGFNSRQLTTSSA(MSE)LIIFGDLQNYEKAEQIYGDAVEQQL(MSE)TEDIKAQLLDWILPYYKNLSREG
(MSE)KDIVNIDSSL(MSE)A(MSE)QL(MSE)LTAKAHGYDTNPIGGFDKENIADIIGYDSDRYVPVLAIAIGKKAQDA
HDSVRLPIDDVREFL
;
_entity_poly.pdbx_strand_id   A,B,C,D
#
# COMPACT_ATOMS: atom_id res chain seq x y z
N GLN A 3 3.31 -10.47 -4.18
CA GLN A 3 4.12 -9.24 -4.25
C GLN A 3 3.64 -8.24 -3.19
N LYS A 4 4.54 -7.87 -2.29
CA LYS A 4 4.18 -7.05 -1.16
C LYS A 4 4.53 -5.62 -1.41
N LEU A 5 3.91 -4.73 -0.64
CA LEU A 5 4.41 -3.37 -0.47
C LEU A 5 5.83 -3.43 0.06
N THR A 6 6.73 -2.59 -0.47
CA THR A 6 8.09 -2.53 0.01
C THR A 6 8.06 -1.63 1.22
N ARG A 7 8.35 -2.22 2.36
CA ARG A 7 8.47 -1.48 3.57
C ARG A 7 9.67 -2.06 4.23
N ILE A 8 10.42 -1.21 4.91
CA ILE A 8 11.48 -1.66 5.82
C ILE A 8 11.00 -1.22 7.19
N ASN A 9 10.73 -2.17 8.07
CA ASN A 9 10.17 -1.88 9.38
C ASN A 9 11.22 -1.87 10.49
N ASP A 10 12.39 -2.47 10.25
CA ASP A 10 13.43 -2.49 11.28
C ASP A 10 14.13 -1.14 11.30
N PHE A 11 14.14 -0.48 12.46
CA PHE A 11 14.73 0.86 12.61
C PHE A 11 16.20 0.90 12.17
N ASN A 12 17.02 -0.03 12.64
CA ASN A 12 18.42 0.05 12.25
C ASN A 12 18.59 -0.23 10.76
N GLU A 13 17.74 -1.11 10.23
CA GLU A 13 17.81 -1.44 8.80
C GLU A 13 17.52 -0.19 7.97
N VAL A 14 16.55 0.61 8.41
CA VAL A 14 16.27 1.86 7.71
C VAL A 14 17.45 2.82 7.73
N LEU A 15 17.96 3.13 8.92
CA LEU A 15 19.18 3.97 9.04
C LEU A 15 20.36 3.45 8.23
N ASN A 16 20.62 2.15 8.30
CA ASN A 16 21.75 1.56 7.59
C ASN A 16 21.66 1.66 6.05
N SER A 17 20.45 1.67 5.52
CA SER A 17 20.28 1.64 4.07
CA SER A 17 20.20 1.64 4.07
C SER A 17 20.06 3.04 3.47
N ARG A 18 19.90 4.04 4.32
CA ARG A 18 19.74 5.45 3.92
C ARG A 18 21.08 5.89 3.34
N LYS A 19 21.13 5.99 2.01
CA LYS A 19 22.33 6.41 1.29
C LYS A 19 21.90 7.33 0.15
N SER A 20 22.81 8.16 -0.34
CA SER A 20 22.52 9.10 -1.42
C SER A 20 22.45 8.38 -2.76
N VAL A 21 21.24 8.17 -3.24
CA VAL A 21 21.03 7.59 -4.55
C VAL A 21 20.93 8.75 -5.51
N LYS A 22 21.62 8.63 -6.62
CA LYS A 22 21.65 9.74 -7.58
C LYS A 22 20.99 9.43 -8.89
N VAL A 23 20.69 8.17 -9.17
CA VAL A 23 20.01 7.79 -10.40
C VAL A 23 18.74 7.04 -10.04
N PHE A 24 17.59 7.59 -10.38
CA PHE A 24 16.29 7.01 -10.06
C PHE A 24 15.62 6.44 -11.30
N ASP A 25 14.61 5.62 -11.06
CA ASP A 25 13.76 5.08 -12.10
C ASP A 25 12.85 6.17 -12.61
N GLU A 26 13.07 6.60 -13.86
CA GLU A 26 12.38 7.75 -14.45
C GLU A 26 10.89 7.49 -14.70
N ASN A 27 10.52 6.22 -14.78
CA ASN A 27 9.15 5.85 -15.02
C ASN A 27 8.32 5.78 -13.74
N TYR A 28 8.98 5.65 -12.59
CA TYR A 28 8.24 5.45 -11.34
C TYR A 28 7.86 6.77 -10.71
N LYS A 29 6.56 6.98 -10.51
CA LYS A 29 6.10 8.16 -9.77
C LYS A 29 5.40 7.75 -8.48
N ILE A 30 5.73 8.46 -7.41
CA ILE A 30 5.22 8.15 -6.08
C ILE A 30 3.75 8.61 -6.01
N PRO A 31 2.81 7.69 -5.70
CA PRO A 31 1.42 8.15 -5.56
C PRO A 31 1.30 9.27 -4.55
N ARG A 32 0.38 10.18 -4.79
CA ARG A 32 0.23 11.33 -3.90
C ARG A 32 -0.10 10.92 -2.47
N GLU A 33 -0.98 9.93 -2.31
CA GLU A 33 -1.35 9.48 -0.98
C GLU A 33 -0.13 9.06 -0.21
N GLU A 34 0.81 8.42 -0.89
CA GLU A 34 2.01 7.96 -0.23
C GLU A 34 3.01 9.09 0.09
N ASP A 36 2.13 12.04 0.78
CA ASP A 36 1.51 12.74 1.91
C ASP A 36 1.70 11.99 3.23
N GLU A 37 1.60 10.67 3.19
CA GLU A 37 1.98 9.86 4.35
C GLU A 37 3.43 10.08 4.82
N ILE A 38 4.37 10.13 3.88
CA ILE A 38 5.78 10.38 4.20
C ILE A 38 5.93 11.79 4.82
N ILE A 39 5.31 12.79 4.21
CA ILE A 39 5.40 14.17 4.71
C ILE A 39 4.73 14.30 6.08
N THR A 40 3.60 13.62 6.27
CA THR A 40 2.94 13.63 7.56
C THR A 40 3.86 13.07 8.63
N LYS A 41 4.50 11.95 8.36
CA LYS A 41 5.43 11.40 9.34
C LYS A 41 6.63 12.27 9.55
N ALA A 42 7.20 12.84 8.48
CA ALA A 42 8.37 13.73 8.56
C ALA A 42 8.15 14.92 9.48
N THR A 43 6.98 15.52 9.34
CA THR A 43 6.62 16.74 10.08
C THR A 43 6.27 16.50 11.56
N LYS A 44 6.33 15.24 12.00
CA LYS A 44 6.32 14.93 13.42
C LYS A 44 7.64 15.32 14.11
N ALA A 45 8.60 15.75 13.32
CA ALA A 45 9.87 16.28 13.85
C ALA A 45 9.65 17.44 14.81
N PRO A 46 10.60 17.63 15.72
CA PRO A 46 10.53 18.75 16.65
C PRO A 46 10.97 20.03 15.98
N SER A 47 10.49 21.16 16.48
CA SER A 47 10.91 22.47 16.04
C SER A 47 10.85 23.40 17.24
N SER A 48 11.68 24.42 17.21
CA SER A 48 11.71 25.43 18.24
C SER A 48 10.31 25.97 18.46
N VAL A 49 9.90 26.01 19.72
CA VAL A 49 8.54 26.37 20.18
C VAL A 49 7.41 25.79 19.31
N ASN A 50 7.67 24.62 18.75
CA ASN A 50 6.68 23.94 17.90
C ASN A 50 6.14 24.80 16.78
N GLN A 52 7.22 25.06 13.63
CA GLN A 52 7.07 24.30 12.38
C GLN A 52 7.27 25.18 11.15
N PRO A 53 8.45 25.78 11.02
CA PRO A 53 8.67 26.79 9.95
C PRO A 53 8.90 26.23 8.53
N TRP A 54 8.87 24.91 8.38
CA TRP A 54 9.24 24.27 7.13
C TRP A 54 8.12 24.34 6.08
N ARG A 55 8.49 24.52 4.81
CA ARG A 55 7.53 24.58 3.71
C ARG A 55 8.11 23.81 2.53
N ILE A 56 7.36 22.87 1.97
CA ILE A 56 7.92 21.93 1.02
C ILE A 56 7.26 22.13 -0.33
N ALA A 57 8.05 22.54 -1.31
CA ALA A 57 7.66 22.51 -2.71
C ALA A 57 7.97 21.13 -3.25
N VAL A 58 6.93 20.37 -3.60
CA VAL A 58 7.10 19.03 -4.19
C VAL A 58 7.12 19.18 -5.72
N VAL A 59 8.32 19.31 -6.28
CA VAL A 59 8.47 19.57 -7.73
C VAL A 59 8.44 18.26 -8.50
N GLN A 60 7.29 18.00 -9.11
CA GLN A 60 7.06 16.74 -9.81
C GLN A 60 6.73 16.90 -11.29
N SER A 61 6.08 18.00 -11.67
CA SER A 61 5.68 18.21 -13.08
C SER A 61 6.86 18.47 -14.01
N ASP A 62 6.70 18.06 -15.25
CA ASP A 62 7.69 18.27 -16.28
C ASP A 62 7.97 19.78 -16.40
N GLU A 63 6.92 20.60 -16.36
CA GLU A 63 7.06 22.06 -16.53
C GLU A 63 7.87 22.72 -15.44
N LYS A 65 9.93 21.03 -13.28
CA LYS A 65 11.27 20.44 -13.42
C LYS A 65 12.10 21.22 -14.45
N GLU A 66 11.54 21.45 -15.63
CA GLU A 66 12.20 22.20 -16.68
C GLU A 66 12.62 23.61 -16.22
N LYS A 67 11.75 24.25 -15.45
CA LYS A 67 12.03 25.61 -14.94
C LYS A 67 13.20 25.67 -13.96
N VAL A 68 13.30 24.67 -13.07
CA VAL A 68 14.34 24.67 -12.04
C VAL A 68 15.64 24.00 -12.50
N LYS A 69 15.64 23.46 -13.71
CA LYS A 69 16.74 22.65 -14.20
C LYS A 69 18.11 23.34 -14.17
N GLU A 70 18.18 24.56 -14.68
CA GLU A 70 19.43 25.29 -14.64
C GLU A 70 19.91 25.59 -13.21
N SER A 71 18.97 25.80 -12.30
CA SER A 71 19.29 26.09 -10.91
C SER A 71 19.93 24.90 -10.24
N PHE A 72 19.67 23.70 -10.75
CA PHE A 72 20.21 22.51 -10.15
C PHE A 72 21.58 22.14 -10.71
N GLY A 73 22.05 22.87 -11.72
CA GLY A 73 23.43 22.77 -12.20
C GLY A 73 23.88 21.34 -12.43
N PHE A 74 24.92 20.90 -11.72
CA PHE A 74 25.48 19.58 -11.96
C PHE A 74 24.62 18.46 -11.30
N ASN A 75 23.60 18.81 -10.52
CA ASN A 75 22.71 17.78 -10.00
C ASN A 75 21.59 17.42 -10.97
N SER A 76 21.90 17.48 -12.26
CA SER A 76 20.94 17.22 -13.32
C SER A 76 20.45 15.75 -13.36
N ARG A 77 21.30 14.79 -13.04
CA ARG A 77 20.88 13.37 -12.97
C ARG A 77 19.72 13.20 -11.99
N GLN A 78 19.86 13.78 -10.80
CA GLN A 78 18.85 13.65 -9.74
C GLN A 78 17.56 14.40 -10.10
N LEU A 79 17.69 15.63 -10.57
CA LEU A 79 16.50 16.38 -10.95
C LEU A 79 15.71 15.67 -12.03
N THR A 80 16.39 15.27 -13.08
CA THR A 80 15.77 14.59 -14.20
C THR A 80 15.11 13.29 -13.81
N THR A 81 15.85 12.40 -13.16
CA THR A 81 15.38 11.03 -12.96
C THR A 81 14.41 10.82 -11.78
N SER A 82 14.47 11.74 -10.81
CA SER A 82 13.68 11.66 -9.59
C SER A 82 12.16 11.62 -9.81
N SER A 83 11.45 10.91 -8.96
CA SER A 83 10.02 10.99 -8.90
C SER A 83 9.57 12.41 -8.52
N ALA A 84 10.29 13.03 -7.59
CA ALA A 84 10.09 14.43 -7.23
C ALA A 84 11.38 15.03 -6.70
N LEU A 86 12.12 17.59 -3.90
CA LEU A 86 11.51 18.32 -2.77
C LEU A 86 12.41 19.50 -2.45
N ILE A 87 11.88 20.72 -2.50
CA ILE A 87 12.69 21.89 -2.15
C ILE A 87 12.11 22.40 -0.84
N ILE A 88 12.93 22.38 0.21
CA ILE A 88 12.49 22.74 1.54
C ILE A 88 12.90 24.17 1.86
N PHE A 89 11.90 25.01 2.11
CA PHE A 89 12.08 26.39 2.54
C PHE A 89 11.71 26.56 4.02
N GLY A 90 12.32 27.58 4.62
CA GLY A 90 12.01 28.03 5.98
C GLY A 90 11.27 29.35 5.92
N ASP A 91 10.15 29.41 6.63
CA ASP A 91 9.35 30.60 6.73
C ASP A 91 9.86 31.51 7.85
N LEU A 92 10.45 32.63 7.45
CA LEU A 92 11.00 33.57 8.42
C LEU A 92 9.91 34.30 9.24
N GLN A 93 8.65 34.21 8.80
CA GLN A 93 7.52 34.76 9.55
C GLN A 93 6.61 33.63 10.01
N ASN A 94 7.24 32.53 10.37
CA ASN A 94 6.57 31.33 10.87
C ASN A 94 5.56 31.57 12.03
N TYR A 95 5.81 32.60 12.83
CA TYR A 95 4.96 32.94 13.99
C TYR A 95 3.57 33.41 13.59
N GLU A 96 3.39 33.76 12.32
CA GLU A 96 2.06 34.08 11.81
C GLU A 96 1.13 32.87 11.88
N LYS A 97 1.66 31.67 12.03
CA LYS A 97 0.80 30.50 12.26
C LYS A 97 0.68 30.09 13.74
N ALA A 98 1.19 30.93 14.65
CA ALA A 98 1.18 30.62 16.09
C ALA A 98 -0.25 30.45 16.63
N GLU A 99 -1.19 31.31 16.27
CA GLU A 99 -2.58 31.15 16.76
C GLU A 99 -3.22 29.88 16.23
N GLN A 100 -3.02 29.59 14.96
CA GLN A 100 -3.48 28.32 14.39
C GLN A 100 -2.92 27.10 15.12
N ILE A 101 -1.61 27.03 15.23
CA ILE A 101 -0.96 25.88 15.84
C ILE A 101 -1.40 25.66 17.31
N TYR A 102 -1.24 26.70 18.14
CA TYR A 102 -1.55 26.61 19.55
C TYR A 102 -3.07 26.52 19.75
N GLY A 103 -3.84 27.17 18.88
CA GLY A 103 -5.27 26.95 18.85
C GLY A 103 -5.66 25.49 18.65
N ASP A 104 -5.03 24.79 17.71
CA ASP A 104 -5.29 23.35 17.49
C ASP A 104 -4.97 22.50 18.71
N ALA A 105 -3.91 22.86 19.43
CA ALA A 105 -3.55 22.19 20.68
C ALA A 105 -4.65 22.34 21.74
N VAL A 106 -5.28 23.52 21.81
CA VAL A 106 -6.42 23.68 22.73
C VAL A 106 -7.62 22.83 22.22
N GLU A 107 -7.88 22.89 20.92
CA GLU A 107 -9.00 22.14 20.33
C GLU A 107 -8.82 20.62 20.57
N GLN A 108 -7.56 20.16 20.55
CA GLN A 108 -7.24 18.74 20.64
C GLN A 108 -6.96 18.34 22.09
N GLN A 109 -7.26 19.25 23.02
CA GLN A 109 -7.20 19.02 24.45
C GLN A 109 -5.78 18.71 24.99
N LEU A 110 -4.76 19.29 24.37
CA LEU A 110 -3.37 19.12 24.85
C LEU A 110 -2.91 20.25 25.79
N THR A 112 -4.74 24.06 27.90
CA THR A 112 -5.87 24.92 28.11
C THR A 112 -5.59 26.23 27.38
N GLU A 113 -6.65 26.98 27.13
CA GLU A 113 -6.50 28.32 26.54
C GLU A 113 -5.62 29.18 27.45
N ASP A 114 -5.81 29.03 28.77
CA ASP A 114 -5.00 29.71 29.78
C ASP A 114 -3.51 29.48 29.53
N ILE A 115 -3.13 28.23 29.37
CA ILE A 115 -1.73 27.91 29.11
C ILE A 115 -1.23 28.42 27.73
N LYS A 116 -2.08 28.31 26.71
CA LYS A 116 -1.80 28.87 25.38
C LYS A 116 -1.44 30.37 25.48
N ALA A 117 -2.21 31.11 26.25
CA ALA A 117 -1.97 32.56 26.42
C ALA A 117 -0.66 32.84 27.18
N GLN A 118 -0.34 32.03 28.21
CA GLN A 118 0.89 32.23 28.96
C GLN A 118 2.09 31.95 28.05
N LEU A 119 2.04 30.87 27.30
CA LEU A 119 3.10 30.53 26.36
C LEU A 119 3.29 31.63 25.30
N LEU A 120 2.23 31.96 24.57
CA LEU A 120 2.36 32.91 23.48
C LEU A 120 2.74 34.31 23.99
N ASP A 121 2.38 34.62 25.23
CA ASP A 121 2.74 35.91 25.80
C ASP A 121 4.27 36.12 25.85
N TRP A 122 5.04 35.06 26.00
CA TRP A 122 6.51 35.21 25.91
C TRP A 122 7.09 34.78 24.59
N ILE A 123 6.48 33.80 23.93
CA ILE A 123 7.03 33.26 22.70
C ILE A 123 6.90 34.27 21.55
N LEU A 124 5.76 34.95 21.44
CA LEU A 124 5.58 35.86 20.32
C LEU A 124 6.57 37.05 20.31
N PRO A 125 6.70 37.79 21.43
CA PRO A 125 7.72 38.84 21.44
C PRO A 125 9.15 38.34 21.21
N TYR A 126 9.48 37.16 21.73
CA TYR A 126 10.76 36.56 21.47
C TYR A 126 10.98 36.35 19.98
N TYR A 127 10.10 35.61 19.34
CA TYR A 127 10.25 35.36 17.89
C TYR A 127 10.17 36.63 17.03
N LYS A 128 9.27 37.54 17.35
CA LYS A 128 9.12 38.76 16.55
C LYS A 128 10.30 39.72 16.69
N ASN A 129 11.06 39.61 17.78
CA ASN A 129 12.17 40.52 17.97
CA ASN A 129 12.21 40.47 18.12
C ASN A 129 13.54 39.92 17.57
N LEU A 130 13.50 38.71 17.00
CA LEU A 130 14.71 38.07 16.46
C LEU A 130 15.21 38.77 15.19
N SER A 131 16.54 38.87 15.02
CA SER A 131 17.10 39.43 13.80
C SER A 131 16.83 38.51 12.64
N ARG A 132 17.00 39.00 11.42
CA ARG A 132 16.82 38.17 10.26
C ARG A 132 17.79 36.97 10.31
N GLU A 133 19.06 37.22 10.63
CA GLU A 133 20.04 36.14 10.69
C GLU A 133 19.69 35.13 11.78
N GLY A 134 19.27 35.62 12.94
CA GLY A 134 18.88 34.75 14.00
C GLY A 134 17.69 33.87 13.62
N LYS A 136 16.84 33.07 10.50
CA LYS A 136 17.37 32.16 9.49
C LYS A 136 18.05 30.95 10.14
N ASP A 137 18.83 31.17 11.21
CA ASP A 137 19.44 30.04 11.91
C ASP A 137 18.37 29.09 12.43
N ILE A 138 17.33 29.65 13.06
CA ILE A 138 16.23 28.83 13.59
C ILE A 138 15.56 27.98 12.50
N VAL A 139 15.22 28.60 11.38
CA VAL A 139 14.46 27.83 10.37
C VAL A 139 15.36 26.83 9.64
N ASN A 140 16.66 27.13 9.51
CA ASN A 140 17.58 26.17 8.90
C ASN A 140 17.68 24.93 9.76
N ILE A 141 17.77 25.13 11.08
CA ILE A 141 17.91 24.01 12.01
C ILE A 141 16.62 23.18 12.01
N ASP A 142 15.49 23.84 12.19
CA ASP A 142 14.20 23.15 12.29
C ASP A 142 13.93 22.35 11.01
N SER A 143 14.15 22.99 9.86
CA SER A 143 13.83 22.40 8.57
C SER A 143 14.72 21.18 8.26
N SER A 144 15.97 21.25 8.73
CA SER A 144 16.92 20.16 8.61
C SER A 144 16.54 18.95 9.48
N LEU A 145 16.06 19.22 10.68
CA LEU A 145 15.55 18.16 11.55
C LEU A 145 14.44 17.38 10.82
N ALA A 147 13.79 17.35 7.55
CA ALA A 147 14.38 16.74 6.36
C ALA A 147 15.01 15.36 6.65
N GLN A 149 14.22 13.25 9.06
CA GLN A 149 13.15 12.34 9.35
C GLN A 149 12.41 12.00 8.07
N LEU A 150 12.32 12.96 7.15
CA LEU A 150 11.73 12.69 5.82
C LEU A 150 12.52 11.62 5.06
N LEU A 152 14.51 9.31 6.22
CA LEU A 152 14.39 8.02 6.90
C LEU A 152 13.04 7.39 6.64
N THR A 153 11.99 8.20 6.71
CA THR A 153 10.63 7.73 6.43
C THR A 153 10.47 7.27 4.98
N ALA A 154 11.05 8.02 4.05
CA ALA A 154 11.10 7.61 2.64
C ALA A 154 11.74 6.24 2.50
N LYS A 155 12.88 6.03 3.14
CA LYS A 155 13.55 4.71 3.06
C LYS A 155 12.69 3.59 3.64
N ALA A 156 12.00 3.89 4.74
CA ALA A 156 11.07 2.95 5.38
C ALA A 156 9.91 2.57 4.43
N HIS A 157 9.56 3.49 3.54
CA HIS A 157 8.61 3.24 2.46
C HIS A 157 9.20 2.60 1.24
N GLY A 158 10.49 2.29 1.26
CA GLY A 158 11.10 1.61 0.13
C GLY A 158 11.69 2.55 -0.93
N TYR A 159 11.74 3.85 -0.65
CA TYR A 159 12.23 4.83 -1.62
C TYR A 159 13.63 5.22 -1.22
N ASP A 160 14.33 5.93 -2.07
CA ASP A 160 15.63 6.42 -1.71
C ASP A 160 15.65 7.90 -1.94
N THR A 161 16.65 8.55 -1.38
CA THR A 161 16.75 10.03 -1.46
C THR A 161 18.19 10.42 -1.73
N ASN A 162 18.36 11.70 -2.07
CA ASN A 162 19.67 12.35 -2.10
C ASN A 162 19.45 13.80 -1.66
N PRO A 163 20.06 14.21 -0.54
CA PRO A 163 19.98 15.58 -0.10
C PRO A 163 20.93 16.41 -0.91
N ILE A 164 20.50 17.61 -1.28
CA ILE A 164 21.19 18.42 -2.29
C ILE A 164 21.23 19.87 -1.81
N GLY A 165 22.44 20.40 -1.70
CA GLY A 165 22.65 21.80 -1.36
C GLY A 165 23.16 22.59 -2.52
N GLY A 166 23.60 21.90 -3.57
CA GLY A 166 24.23 22.57 -4.70
C GLY A 166 23.21 23.04 -5.72
N PHE A 167 22.32 23.95 -5.31
CA PHE A 167 21.40 24.59 -6.24
C PHE A 167 21.40 26.11 -6.04
N ASP A 168 20.86 26.84 -6.99
CA ASP A 168 20.88 28.30 -6.96
C ASP A 168 19.93 28.86 -5.93
N LYS A 169 20.41 29.01 -4.70
CA LYS A 169 19.53 29.43 -3.61
C LYS A 169 19.13 30.89 -3.71
N GLU A 170 19.86 31.70 -4.47
CA GLU A 170 19.56 33.11 -4.60
CA GLU A 170 19.57 33.13 -4.64
C GLU A 170 18.30 33.31 -5.47
N ASN A 171 18.10 32.44 -6.45
CA ASN A 171 16.97 32.60 -7.37
C ASN A 171 15.84 31.59 -7.28
N ILE A 172 15.99 30.50 -6.52
CA ILE A 172 15.03 29.40 -6.59
C ILE A 172 13.60 29.80 -6.12
N ALA A 173 13.51 30.58 -5.05
CA ALA A 173 12.22 31.08 -4.56
C ALA A 173 11.47 31.81 -5.67
N ASP A 174 12.14 32.75 -6.34
CA ASP A 174 11.52 33.49 -7.44
CA ASP A 174 11.54 33.49 -7.45
C ASP A 174 11.11 32.57 -8.58
N ILE A 175 11.93 31.56 -8.87
CA ILE A 175 11.64 30.67 -9.98
C ILE A 175 10.36 29.88 -9.73
N ILE A 176 10.15 29.49 -8.47
CA ILE A 176 9.04 28.65 -8.01
C ILE A 176 7.76 29.46 -7.72
N GLY A 177 7.93 30.77 -7.51
CA GLY A 177 6.82 31.66 -7.24
C GLY A 177 6.63 32.01 -5.80
N TYR A 178 7.67 31.81 -4.97
CA TYR A 178 7.59 32.14 -3.56
C TYR A 178 8.31 33.46 -3.29
N ASP A 179 7.82 34.21 -2.30
CA ASP A 179 8.44 35.48 -1.89
C ASP A 179 9.79 35.18 -1.27
N SER A 180 10.85 35.59 -1.95
CA SER A 180 12.22 35.37 -1.47
C SER A 180 12.57 36.12 -0.18
N ASP A 181 11.79 37.14 0.17
CA ASP A 181 12.00 37.87 1.42
C ASP A 181 11.58 37.04 2.61
N ARG A 182 10.50 36.26 2.45
CA ARG A 182 9.91 35.49 3.53
C ARG A 182 10.39 34.04 3.62
N TYR A 183 10.61 33.40 2.47
CA TYR A 183 10.89 31.95 2.41
C TYR A 183 12.32 31.71 1.93
N VAL A 184 13.18 31.22 2.84
CA VAL A 184 14.59 30.96 2.49
C VAL A 184 14.77 29.49 2.15
N PRO A 185 15.45 29.18 1.04
CA PRO A 185 15.74 27.78 0.72
C PRO A 185 16.77 27.17 1.69
N VAL A 186 16.48 25.99 2.20
CA VAL A 186 17.33 25.34 3.21
C VAL A 186 18.08 24.18 2.54
N LEU A 187 17.31 23.26 1.96
CA LEU A 187 17.89 22.15 1.22
CA LEU A 187 17.83 22.03 1.36
C LEU A 187 16.84 21.50 0.33
N ALA A 188 17.33 20.78 -0.67
CA ALA A 188 16.47 20.05 -1.62
C ALA A 188 16.69 18.56 -1.39
N ILE A 189 15.67 17.75 -1.61
CA ILE A 189 15.81 16.29 -1.46
C ILE A 189 15.22 15.62 -2.70
N ALA A 190 16.06 14.92 -3.46
CA ALA A 190 15.54 14.11 -4.60
C ALA A 190 15.02 12.84 -4.00
N ILE A 191 13.87 12.37 -4.49
CA ILE A 191 13.23 11.18 -3.97
C ILE A 191 12.69 10.34 -5.13
N GLY A 192 12.79 9.03 -4.99
CA GLY A 192 12.22 8.11 -5.97
C GLY A 192 12.65 6.69 -5.68
N LYS A 193 12.38 5.81 -6.64
CA LYS A 193 12.82 4.44 -6.58
C LYS A 193 14.18 4.35 -7.28
N LYS A 194 15.15 3.72 -6.63
CA LYS A 194 16.50 3.76 -7.15
C LYS A 194 16.66 2.95 -8.43
N ALA A 195 17.45 3.48 -9.36
CA ALA A 195 17.82 2.71 -10.56
C ALA A 195 19.28 2.24 -10.49
N GLN A 196 20.08 2.82 -9.60
CA GLN A 196 21.47 2.37 -9.37
C GLN A 196 21.74 2.48 -7.88
N ASP A 197 22.45 1.50 -7.35
CA ASP A 197 22.88 1.52 -5.94
C ASP A 197 23.73 2.76 -5.67
N ALA A 198 23.54 3.35 -4.49
CA ALA A 198 24.42 4.40 -3.99
C ALA A 198 25.83 3.87 -3.80
N HIS A 199 26.81 4.74 -3.98
CA HIS A 199 28.19 4.41 -3.58
C HIS A 199 28.22 4.49 -2.07
N ASP A 200 28.93 3.55 -1.47
CA ASP A 200 29.16 3.65 -0.05
C ASP A 200 30.11 4.82 0.27
N SER A 201 30.02 5.33 1.48
CA SER A 201 30.83 6.44 1.92
C SER A 201 31.37 6.17 3.32
N VAL A 202 32.47 6.84 3.66
CA VAL A 202 33.21 6.66 4.89
CA VAL A 202 33.17 6.62 4.91
C VAL A 202 32.71 7.66 5.94
N ARG A 203 32.87 7.32 7.23
CA ARG A 203 32.66 8.26 8.32
C ARG A 203 33.88 8.26 9.21
N LEU A 204 34.16 9.42 9.80
CA LEU A 204 35.20 9.61 10.78
C LEU A 204 35.00 8.69 11.99
N PRO A 205 36.11 8.24 12.59
CA PRO A 205 36.02 7.58 13.89
C PRO A 205 35.33 8.52 14.85
N ILE A 206 34.42 7.99 15.66
CA ILE A 206 33.65 8.87 16.54
C ILE A 206 34.54 9.61 17.54
N ASP A 207 35.70 9.08 17.89
CA ASP A 207 36.56 9.83 18.83
C ASP A 207 37.25 11.05 18.21
N ASP A 208 37.04 11.30 16.91
CA ASP A 208 37.39 12.57 16.26
C ASP A 208 36.25 13.59 16.23
N VAL A 209 35.06 13.22 16.64
CA VAL A 209 33.94 14.13 16.61
C VAL A 209 33.15 14.23 17.92
N ARG A 210 33.41 13.37 18.90
CA ARG A 210 32.77 13.46 20.21
C ARG A 210 33.76 13.38 21.34
N GLU A 211 33.46 14.08 22.43
CA GLU A 211 34.28 13.97 23.63
C GLU A 211 33.44 14.12 24.87
N PHE A 212 33.85 13.40 25.92
CA PHE A 212 33.16 13.42 27.20
C PHE A 212 33.77 14.47 28.09
N LEU A 213 32.90 15.31 28.67
CA LEU A 213 33.32 16.42 29.51
C LEU A 213 32.64 16.32 30.89
N GLY B 1 21.18 3.98 38.39
CA GLY B 1 22.25 3.05 37.94
C GLY B 1 22.68 3.29 36.51
N GLN B 3 21.61 0.44 34.00
CA GLN B 3 20.89 -0.63 33.28
C GLN B 3 20.72 -0.25 31.80
N LYS B 4 20.95 -1.18 30.89
CA LYS B 4 20.55 -0.95 29.50
C LYS B 4 19.04 -1.20 29.48
N LEU B 5 18.34 -0.30 28.77
CA LEU B 5 16.87 -0.21 28.80
C LEU B 5 16.22 -0.97 27.63
N THR B 6 14.88 -1.06 27.67
CA THR B 6 14.08 -1.72 26.61
C THR B 6 14.06 -1.02 25.25
N ARG B 7 14.63 -1.72 24.27
CA ARG B 7 14.79 -1.19 22.92
C ARG B 7 13.47 -1.14 22.13
N ILE B 8 13.37 -0.22 21.18
CA ILE B 8 12.22 -0.14 20.29
C ILE B 8 12.81 -0.42 18.90
N ASN B 9 12.51 -1.59 18.32
CA ASN B 9 13.07 -1.96 17.01
C ASN B 9 12.21 -1.58 15.80
N ASP B 10 10.94 -1.24 16.02
CA ASP B 10 10.05 -0.90 14.93
C ASP B 10 10.18 0.56 14.55
N PHE B 11 10.51 0.81 13.30
CA PHE B 11 10.75 2.17 12.83
C PHE B 11 9.60 3.15 13.18
N ASN B 12 8.36 2.80 12.86
CA ASN B 12 7.22 3.67 13.18
C ASN B 12 7.00 3.88 14.67
N GLU B 13 7.20 2.85 15.48
CA GLU B 13 7.15 3.00 16.94
CA GLU B 13 7.13 3.02 16.93
C GLU B 13 8.20 3.99 17.42
N VAL B 14 9.41 3.91 16.87
CA VAL B 14 10.45 4.85 17.29
C VAL B 14 10.03 6.30 16.96
N LEU B 15 9.64 6.51 15.72
CA LEU B 15 9.22 7.83 15.27
C LEU B 15 8.03 8.31 16.09
N ASN B 16 7.04 7.45 16.32
CA ASN B 16 5.88 7.86 17.12
C ASN B 16 6.17 8.20 18.58
N SER B 17 7.24 7.65 19.15
CA SER B 17 7.53 7.89 20.56
CA SER B 17 7.59 7.84 20.57
C SER B 17 8.60 8.95 20.80
N ARG B 18 9.20 9.47 19.73
CA ARG B 18 10.19 10.57 19.84
C ARG B 18 9.42 11.85 20.21
N LYS B 19 9.53 12.24 21.48
CA LYS B 19 8.90 13.44 22.03
C LYS B 19 9.88 14.09 23.02
N SER B 20 9.68 15.38 23.31
CA SER B 20 10.56 16.12 24.22
C SER B 20 10.25 15.79 25.66
N VAL B 21 11.12 15.01 26.26
CA VAL B 21 11.06 14.69 27.68
C VAL B 21 11.94 15.73 28.37
N LYS B 22 11.41 16.35 29.43
CA LYS B 22 12.12 17.41 30.16
C LYS B 22 12.55 17.06 31.59
N VAL B 23 12.10 15.91 32.09
CA VAL B 23 12.49 15.41 33.41
C VAL B 23 13.00 13.96 33.25
N PHE B 24 14.28 13.77 33.55
CA PHE B 24 14.93 12.49 33.44
C PHE B 24 15.25 11.92 34.82
N ASP B 25 15.58 10.64 34.85
CA ASP B 25 16.02 9.97 36.04
C ASP B 25 17.44 10.45 36.37
N GLU B 26 17.53 11.19 37.45
CA GLU B 26 18.75 11.84 37.86
C GLU B 26 19.83 10.85 38.29
N ASN B 27 19.42 9.62 38.59
CA ASN B 27 20.34 8.60 39.09
C ASN B 27 20.69 7.55 38.04
N TYR B 28 20.17 7.72 36.83
CA TYR B 28 20.49 6.83 35.74
C TYR B 28 21.57 7.47 34.88
N LYS B 29 22.66 6.74 34.65
CA LYS B 29 23.70 7.21 33.75
C LYS B 29 23.90 6.20 32.62
N ILE B 30 24.07 6.72 31.41
CA ILE B 30 24.19 5.94 30.20
C ILE B 30 25.61 5.38 30.09
N PRO B 31 25.76 4.06 29.95
CA PRO B 31 27.13 3.52 29.83
C PRO B 31 27.83 4.05 28.59
N ARG B 32 29.15 4.21 28.62
CA ARG B 32 29.86 4.74 27.43
C ARG B 32 29.67 3.94 26.17
N GLU B 33 29.65 2.62 26.28
CA GLU B 33 29.49 1.71 25.13
C GLU B 33 28.21 2.06 24.41
N GLU B 34 27.17 2.33 25.19
CA GLU B 34 25.90 2.66 24.65
C GLU B 34 25.85 4.07 24.02
N ASP B 36 28.33 5.65 22.79
CA ASP B 36 29.13 5.52 21.58
C ASP B 36 28.38 4.82 20.43
N GLU B 37 27.58 3.80 20.74
CA GLU B 37 26.71 3.16 19.73
C GLU B 37 25.73 4.17 19.15
N ILE B 38 25.09 4.92 20.03
CA ILE B 38 24.20 5.99 19.62
C ILE B 38 24.87 7.01 18.71
N ILE B 39 26.05 7.50 19.10
CA ILE B 39 26.74 8.49 18.26
C ILE B 39 27.27 7.89 16.96
N THR B 40 27.77 6.66 17.01
CA THR B 40 28.20 5.98 15.80
C THR B 40 27.05 5.96 14.75
N LYS B 41 25.85 5.54 15.13
CA LYS B 41 24.68 5.55 14.24
C LYS B 41 24.26 6.90 13.78
N ALA B 42 24.28 7.88 14.66
CA ALA B 42 23.86 9.22 14.33
C ALA B 42 24.76 9.83 13.24
N THR B 43 26.05 9.58 13.32
CA THR B 43 27.00 10.20 12.40
C THR B 43 27.06 9.49 11.05
N LYS B 44 26.23 8.46 10.85
CA LYS B 44 25.90 7.95 9.48
C LYS B 44 25.02 8.90 8.68
N ALA B 45 24.53 9.96 9.32
CA ALA B 45 23.81 11.04 8.66
C ALA B 45 24.62 11.58 7.49
N PRO B 46 23.95 12.12 6.48
CA PRO B 46 24.67 12.71 5.38
C PRO B 46 25.14 14.11 5.74
N SER B 47 26.12 14.60 4.98
CA SER B 47 26.58 15.97 5.14
C SER B 47 27.12 16.46 3.82
N SER B 48 27.18 17.78 3.68
CA SER B 48 27.63 18.39 2.43
C SER B 48 29.06 17.91 2.17
N VAL B 49 29.31 17.43 0.96
CA VAL B 49 30.59 16.79 0.54
C VAL B 49 31.20 15.81 1.56
N ASN B 50 30.32 15.18 2.34
CA ASN B 50 30.73 14.25 3.38
C ASN B 50 31.76 14.80 4.36
N GLN B 52 31.25 16.22 7.30
CA GLN B 52 31.02 15.83 8.69
C GLN B 52 31.49 16.90 9.69
N PRO B 53 30.91 18.11 9.62
CA PRO B 53 31.43 19.22 10.44
C PRO B 53 30.96 19.23 11.91
N TRP B 54 30.20 18.23 12.31
CA TRP B 54 29.60 18.22 13.63
C TRP B 54 30.62 17.83 14.67
N ARG B 55 30.52 18.47 15.85
CA ARG B 55 31.39 18.17 16.99
C ARG B 55 30.52 18.10 18.24
N ILE B 56 30.54 16.98 18.94
CA ILE B 56 29.64 16.73 20.07
C ILE B 56 30.39 16.83 21.41
N ALA B 57 30.03 17.81 22.24
CA ALA B 57 30.47 17.87 23.64
C ALA B 57 29.43 17.13 24.48
N VAL B 58 29.81 15.97 25.03
CA VAL B 58 28.88 15.16 25.83
C VAL B 58 29.13 15.59 27.28
N VAL B 59 28.33 16.55 27.75
CA VAL B 59 28.47 17.07 29.09
C VAL B 59 27.79 16.15 30.10
N GLN B 60 28.61 15.42 30.84
CA GLN B 60 28.11 14.44 31.81
C GLN B 60 28.62 14.67 33.24
N SER B 61 29.80 15.27 33.41
CA SER B 61 30.40 15.43 34.75
C SER B 61 29.65 16.46 35.57
N ASP B 62 29.62 16.29 36.89
CA ASP B 62 28.99 17.26 37.80
C ASP B 62 29.70 18.60 37.59
N GLU B 63 31.02 18.55 37.50
CA GLU B 63 31.84 19.74 37.32
C GLU B 63 31.46 20.56 36.08
N LYS B 65 28.65 20.29 34.16
CA LYS B 65 27.25 20.71 34.33
C LYS B 65 27.16 21.98 35.16
N GLU B 66 27.90 22.03 36.27
CA GLU B 66 27.92 23.22 37.09
C GLU B 66 28.46 24.43 36.32
N LYS B 67 29.50 24.21 35.52
CA LYS B 67 30.08 25.29 34.72
C LYS B 67 29.13 25.83 33.69
N VAL B 68 28.31 24.96 33.09
CA VAL B 68 27.39 25.44 32.06
C VAL B 68 26.00 25.78 32.62
N LYS B 69 25.81 25.68 33.94
CA LYS B 69 24.47 25.75 34.52
C LYS B 69 23.80 27.08 34.17
N GLU B 70 24.47 28.20 34.43
CA GLU B 70 23.87 29.53 34.18
C GLU B 70 23.54 29.71 32.70
N SER B 71 24.37 29.16 31.81
CA SER B 71 24.12 29.22 30.38
C SER B 71 22.86 28.47 29.91
N PHE B 72 22.31 27.58 30.73
CA PHE B 72 21.09 26.90 30.30
C PHE B 72 19.82 27.52 30.81
N GLY B 73 19.95 28.58 31.59
CA GLY B 73 18.79 29.45 31.86
C GLY B 73 17.59 28.70 32.38
N PHE B 74 16.46 28.78 31.67
CA PHE B 74 15.24 28.15 32.15
C PHE B 74 15.21 26.67 31.81
N ASN B 75 16.26 26.16 31.16
CA ASN B 75 16.39 24.73 30.91
C ASN B 75 17.21 23.97 32.01
N SER B 76 17.13 24.46 33.26
CA SER B 76 17.97 23.96 34.33
C SER B 76 17.59 22.54 34.74
N ARG B 77 16.31 22.20 34.67
CA ARG B 77 15.90 20.87 35.09
C ARG B 77 16.41 19.79 34.14
N GLN B 78 16.36 20.09 32.84
CA GLN B 78 16.85 19.15 31.85
C GLN B 78 18.33 18.94 32.08
N LEU B 79 19.08 20.03 32.28
CA LEU B 79 20.52 19.94 32.53
C LEU B 79 20.85 19.12 33.77
N THR B 80 20.20 19.46 34.88
CA THR B 80 20.38 18.74 36.15
C THR B 80 20.09 17.25 36.09
N THR B 81 18.94 16.90 35.54
CA THR B 81 18.45 15.53 35.65
C THR B 81 18.99 14.59 34.54
N SER B 82 19.40 15.16 33.42
CA SER B 82 19.85 14.40 32.27
C SER B 82 21.07 13.49 32.54
N SER B 83 21.12 12.38 31.83
CA SER B 83 22.33 11.56 31.88
C SER B 83 23.49 12.33 31.27
N ALA B 84 23.19 13.11 30.22
CA ALA B 84 24.18 13.97 29.60
C ALA B 84 23.43 15.10 28.92
N LEU B 86 24.13 16.99 25.60
CA LEU B 86 24.92 17.00 24.38
C LEU B 86 24.86 18.42 23.83
N ILE B 87 26.02 19.03 23.58
CA ILE B 87 26.05 20.32 22.90
C ILE B 87 26.75 20.10 21.57
N ILE B 88 26.04 20.36 20.47
CA ILE B 88 26.55 20.08 19.14
C ILE B 88 26.99 21.40 18.51
N PHE B 89 28.26 21.43 18.12
CA PHE B 89 28.90 22.55 17.50
C PHE B 89 29.18 22.19 16.05
N GLY B 90 29.28 23.21 15.22
CA GLY B 90 29.66 23.06 13.83
C GLY B 90 31.07 23.63 13.67
N ASP B 91 31.94 22.91 12.99
CA ASP B 91 33.31 23.37 12.74
C ASP B 91 33.33 24.19 11.45
N LEU B 92 33.58 25.48 11.55
CA LEU B 92 33.61 26.38 10.38
C LEU B 92 34.85 26.15 9.51
N GLN B 93 35.84 25.41 10.04
CA GLN B 93 37.02 24.96 9.28
C GLN B 93 37.04 23.45 9.09
N ASN B 94 35.85 22.90 8.82
CA ASN B 94 35.65 21.49 8.72
C ASN B 94 36.50 20.81 7.64
N TYR B 95 36.91 21.60 6.64
CA TYR B 95 37.70 21.12 5.50
C TYR B 95 39.11 20.74 5.92
N GLU B 96 39.51 21.14 7.12
CA GLU B 96 40.78 20.67 7.66
C GLU B 96 40.83 19.15 7.82
N LYS B 97 39.67 18.48 7.87
CA LYS B 97 39.61 16.99 7.92
C LYS B 97 39.43 16.31 6.56
N ALA B 98 39.43 17.10 5.48
CA ALA B 98 39.18 16.56 4.14
C ALA B 98 40.17 15.46 3.76
N GLU B 99 41.46 15.71 3.99
CA GLU B 99 42.49 14.76 3.60
C GLU B 99 42.26 13.44 4.34
N GLN B 100 41.91 13.54 5.62
CA GLN B 100 41.65 12.35 6.45
C GLN B 100 40.48 11.55 5.95
N ILE B 101 39.35 12.24 5.76
CA ILE B 101 38.09 11.63 5.37
C ILE B 101 38.23 10.96 4.00
N TYR B 102 38.72 11.73 3.04
CA TYR B 102 38.81 11.24 1.69
C TYR B 102 39.91 10.20 1.59
N GLY B 103 40.97 10.39 2.37
CA GLY B 103 42.03 9.39 2.50
C GLY B 103 41.48 8.04 2.99
N ASP B 104 40.60 8.09 3.98
CA ASP B 104 39.91 6.90 4.50
C ASP B 104 39.08 6.20 3.43
N ALA B 105 38.46 6.98 2.55
CA ALA B 105 37.72 6.40 1.44
C ALA B 105 38.62 5.61 0.48
N VAL B 106 39.83 6.10 0.25
CA VAL B 106 40.80 5.41 -0.59
C VAL B 106 41.25 4.11 0.08
N GLU B 107 41.61 4.22 1.37
CA GLU B 107 42.03 3.10 2.19
C GLU B 107 40.96 1.99 2.19
N GLN B 108 39.70 2.40 2.27
CA GLN B 108 38.57 1.49 2.39
C GLN B 108 38.04 1.07 1.02
N GLN B 109 38.80 1.38 -0.04
CA GLN B 109 38.49 0.99 -1.40
C GLN B 109 37.15 1.47 -1.98
N LEU B 110 36.71 2.64 -1.55
CA LEU B 110 35.49 3.26 -2.06
C LEU B 110 35.76 4.23 -3.20
N THR B 112 39.34 5.65 -5.92
CA THR B 112 40.77 5.69 -6.20
C THR B 112 41.37 7.01 -5.69
N GLU B 113 42.68 6.99 -5.48
CA GLU B 113 43.41 8.19 -5.12
C GLU B 113 43.23 9.21 -6.25
N ASP B 114 43.19 8.69 -7.48
CA ASP B 114 43.06 9.53 -8.67
C ASP B 114 41.80 10.38 -8.59
N ILE B 115 40.69 9.73 -8.21
CA ILE B 115 39.42 10.41 -8.09
C ILE B 115 39.41 11.31 -6.87
N LYS B 116 40.00 10.85 -5.76
CA LYS B 116 40.05 11.66 -4.55
C LYS B 116 40.69 13.04 -4.88
N ALA B 117 41.80 13.05 -5.60
CA ALA B 117 42.51 14.28 -5.94
C ALA B 117 41.62 15.22 -6.77
N GLN B 118 40.88 14.64 -7.71
CA GLN B 118 40.00 15.42 -8.57
C GLN B 118 38.89 16.04 -7.76
N LEU B 119 38.33 15.29 -6.81
CA LEU B 119 37.26 15.79 -5.96
C LEU B 119 37.76 16.94 -5.07
N LEU B 120 38.87 16.70 -4.38
CA LEU B 120 39.40 17.72 -3.47
C LEU B 120 39.87 18.97 -4.22
N ASP B 121 40.33 18.81 -5.47
CA ASP B 121 40.76 19.94 -6.31
CA ASP B 121 40.78 19.95 -6.27
C ASP B 121 39.65 20.99 -6.45
N TRP B 122 38.39 20.57 -6.48
CA TRP B 122 37.29 21.59 -6.52
C TRP B 122 36.68 21.82 -5.15
N ILE B 123 36.55 20.76 -4.36
CA ILE B 123 35.91 20.90 -3.05
C ILE B 123 36.66 21.90 -2.15
N LEU B 124 37.98 21.79 -2.07
CA LEU B 124 38.75 22.62 -1.11
C LEU B 124 38.69 24.13 -1.44
N PRO B 125 39.00 24.53 -2.68
CA PRO B 125 38.84 25.96 -3.00
C PRO B 125 37.43 26.50 -2.77
N TYR B 126 36.43 25.66 -2.98
CA TYR B 126 35.05 26.09 -2.78
C TYR B 126 34.77 26.33 -1.29
N TYR B 127 35.09 25.35 -0.45
CA TYR B 127 34.85 25.46 1.01
C TYR B 127 35.72 26.52 1.66
N LYS B 128 36.97 26.62 1.24
CA LYS B 128 37.90 27.57 1.86
C LYS B 128 37.55 29.01 1.53
N ASN B 129 36.77 29.22 0.46
CA ASN B 129 36.43 30.56 0.06
C ASN B 129 34.97 30.98 0.39
N LEU B 130 34.20 30.12 1.03
CA LEU B 130 32.88 30.47 1.53
C LEU B 130 32.96 31.55 2.59
N SER B 131 32.00 32.47 2.58
CA SER B 131 31.87 33.44 3.66
C SER B 131 31.61 32.74 4.96
N ARG B 132 31.90 33.42 6.06
CA ARG B 132 31.56 32.90 7.37
C ARG B 132 30.05 32.54 7.48
N GLU B 133 29.17 33.43 6.99
CA GLU B 133 27.71 33.18 7.06
C GLU B 133 27.30 31.97 6.24
N GLY B 134 27.82 31.88 5.01
CA GLY B 134 27.59 30.70 4.18
C GLY B 134 28.05 29.41 4.84
N LYS B 136 28.46 28.93 8.16
CA LYS B 136 27.59 28.69 9.33
C LYS B 136 26.28 28.00 8.87
N ASP B 137 25.73 28.41 7.74
CA ASP B 137 24.51 27.76 7.22
C ASP B 137 24.79 26.26 6.95
N ILE B 138 25.92 25.97 6.33
CA ILE B 138 26.26 24.58 5.99
C ILE B 138 26.37 23.73 7.24
N VAL B 139 27.08 24.23 8.24
CA VAL B 139 27.32 23.40 9.44
C VAL B 139 26.05 23.27 10.29
N ASN B 140 25.22 24.32 10.32
CA ASN B 140 23.92 24.25 11.02
C ASN B 140 23.05 23.16 10.42
N ILE B 141 22.98 23.15 9.09
CA ILE B 141 22.20 22.16 8.38
C ILE B 141 22.76 20.76 8.62
N ASP B 142 24.06 20.55 8.39
CA ASP B 142 24.60 19.20 8.50
C ASP B 142 24.43 18.69 9.91
N SER B 143 24.77 19.51 10.89
CA SER B 143 24.72 19.12 12.31
C SER B 143 23.30 18.82 12.79
N SER B 144 22.33 19.55 12.24
CA SER B 144 20.91 19.28 12.52
C SER B 144 20.44 17.94 11.92
N LEU B 145 20.93 17.59 10.74
CA LEU B 145 20.61 16.29 10.16
C LEU B 145 21.08 15.17 11.10
N ALA B 147 21.76 15.47 14.34
CA ALA B 147 20.98 15.58 15.58
C ALA B 147 19.64 14.83 15.54
N GLN B 149 18.84 12.23 13.62
CA GLN B 149 19.15 10.83 13.64
C GLN B 149 19.64 10.39 15.04
N LEU B 150 20.37 11.25 15.75
CA LEU B 150 20.78 10.94 17.15
C LEU B 150 19.57 10.78 18.07
N LEU B 152 16.45 9.95 17.23
CA LEU B 152 15.74 8.73 16.87
C LEU B 152 16.47 7.49 17.41
N THR B 153 17.78 7.45 17.21
CA THR B 153 18.58 6.30 17.69
C THR B 153 18.54 6.20 19.20
N ALA B 154 18.61 7.36 19.87
CA ALA B 154 18.50 7.36 21.33
C ALA B 154 17.18 6.71 21.76
N LYS B 155 16.10 7.11 21.08
CA LYS B 155 14.79 6.53 21.37
C LYS B 155 14.74 5.02 21.07
N ALA B 156 15.42 4.57 20.02
CA ALA B 156 15.45 3.14 19.70
C ALA B 156 16.15 2.33 20.80
N HIS B 157 17.07 2.99 21.49
CA HIS B 157 17.77 2.38 22.64
C HIS B 157 17.00 2.46 23.93
N GLY B 158 15.84 3.12 23.92
CA GLY B 158 14.98 3.16 25.10
C GLY B 158 15.13 4.47 25.88
N TYR B 159 15.94 5.38 25.36
CA TYR B 159 16.20 6.69 25.99
C TYR B 159 15.25 7.74 25.44
N ASP B 160 15.22 8.90 26.07
CA ASP B 160 14.50 10.05 25.57
C ASP B 160 15.40 11.24 25.52
N THR B 161 14.99 12.23 24.75
CA THR B 161 15.74 13.45 24.55
C THR B 161 14.86 14.69 24.58
N ASN B 162 15.52 15.83 24.65
CA ASN B 162 14.88 17.16 24.53
C ASN B 162 15.86 18.05 23.80
N PRO B 163 15.52 18.40 22.55
CA PRO B 163 16.39 19.38 21.86
C PRO B 163 16.18 20.75 22.44
N ILE B 164 17.26 21.52 22.55
CA ILE B 164 17.28 22.74 23.31
C ILE B 164 18.08 23.79 22.52
N GLY B 165 17.44 24.95 22.29
CA GLY B 165 18.06 26.09 21.64
C GLY B 165 18.19 27.24 22.60
N GLY B 166 17.51 27.14 23.74
CA GLY B 166 17.49 28.17 24.74
C GLY B 166 18.67 28.13 25.69
N PHE B 167 19.87 28.28 25.14
CA PHE B 167 21.07 28.41 25.95
C PHE B 167 21.94 29.55 25.41
N ASP B 168 22.90 29.98 26.23
CA ASP B 168 23.79 31.10 25.90
C ASP B 168 24.84 30.70 24.86
N LYS B 169 24.47 30.84 23.60
CA LYS B 169 25.35 30.50 22.48
C LYS B 169 26.55 31.45 22.32
N GLU B 170 26.41 32.67 22.80
CA GLU B 170 27.52 33.62 22.75
C GLU B 170 28.73 33.19 23.57
N ASN B 171 28.48 32.49 24.66
CA ASN B 171 29.53 32.20 25.65
C ASN B 171 29.81 30.71 25.83
N ILE B 172 28.99 29.85 25.25
CA ILE B 172 29.10 28.43 25.58
C ILE B 172 30.43 27.79 25.14
N ALA B 173 30.92 28.14 23.95
CA ALA B 173 32.24 27.60 23.49
C ALA B 173 33.34 27.92 24.47
N ASP B 174 33.42 29.20 24.87
CA ASP B 174 34.42 29.61 25.83
C ASP B 174 34.33 28.85 27.16
N ILE B 175 33.10 28.64 27.63
CA ILE B 175 32.86 28.02 28.93
C ILE B 175 33.37 26.57 28.93
N ILE B 176 33.11 25.83 27.86
CA ILE B 176 33.50 24.43 27.84
C ILE B 176 34.91 24.20 27.29
N GLY B 177 35.50 25.24 26.70
CA GLY B 177 36.87 25.19 26.22
C GLY B 177 37.03 24.81 24.77
N TYR B 178 36.11 25.28 23.92
CA TYR B 178 36.24 25.13 22.48
C TYR B 178 36.51 26.50 21.90
N ASP B 179 37.31 26.53 20.84
CA ASP B 179 37.70 27.79 20.18
C ASP B 179 36.42 28.42 19.63
N SER B 180 36.01 29.54 20.22
CA SER B 180 34.73 30.17 19.87
C SER B 180 34.72 30.84 18.49
N ASP B 181 35.89 31.12 17.94
CA ASP B 181 35.98 31.64 16.57
C ASP B 181 35.73 30.55 15.54
N ARG B 182 36.15 29.32 15.84
CA ARG B 182 36.08 28.19 14.90
C ARG B 182 34.84 27.30 15.05
N TYR B 183 34.37 27.15 16.29
CA TYR B 183 33.27 26.22 16.56
C TYR B 183 32.00 26.97 16.97
N VAL B 184 30.93 26.85 16.17
CA VAL B 184 29.69 27.56 16.50
C VAL B 184 28.63 26.61 17.06
N PRO B 185 27.98 26.98 18.16
CA PRO B 185 26.94 26.10 18.73
C PRO B 185 25.72 26.02 17.83
N VAL B 186 25.23 24.82 17.60
CA VAL B 186 24.07 24.63 16.72
C VAL B 186 22.82 24.37 17.56
N LEU B 187 22.88 23.30 18.35
CA LEU B 187 21.82 23.04 19.32
C LEU B 187 22.34 22.10 20.37
N ALA B 188 21.60 22.02 21.49
CA ALA B 188 21.91 21.07 22.56
C ALA B 188 20.84 19.98 22.58
N ILE B 189 21.16 18.82 23.16
CA ILE B 189 20.21 17.73 23.28
C ILE B 189 20.35 17.09 24.65
N ALA B 190 19.34 17.24 25.53
CA ALA B 190 19.36 16.51 26.80
C ALA B 190 19.03 15.06 26.48
N ILE B 191 19.72 14.13 27.13
CA ILE B 191 19.45 12.71 26.91
C ILE B 191 19.49 11.98 28.24
N GLY B 192 18.59 11.03 28.41
CA GLY B 192 18.55 10.24 29.61
C GLY B 192 17.37 9.31 29.58
N LYS B 193 17.10 8.70 30.72
CA LYS B 193 15.95 7.85 30.91
C LYS B 193 14.83 8.71 31.46
N LYS B 194 13.64 8.64 30.86
CA LYS B 194 12.54 9.53 31.27
C LYS B 194 12.08 9.26 32.70
N ALA B 195 11.80 10.34 33.45
CA ALA B 195 11.16 10.22 34.77
C ALA B 195 9.72 10.72 34.71
N GLN B 196 9.38 11.53 33.70
CA GLN B 196 8.00 11.92 33.41
C GLN B 196 7.70 11.85 31.92
N ASP B 197 6.51 11.41 31.55
CA ASP B 197 6.10 11.38 30.14
C ASP B 197 6.15 12.78 29.52
N ALA B 198 6.59 12.88 28.26
CA ALA B 198 6.43 14.10 27.49
C ALA B 198 4.95 14.50 27.33
N HIS B 199 4.69 15.80 27.21
CA HIS B 199 3.40 16.26 26.70
C HIS B 199 3.29 15.97 25.19
N ASP B 200 2.13 15.46 24.77
CA ASP B 200 1.82 15.36 23.35
C ASP B 200 1.66 16.76 22.75
N SER B 201 1.95 16.90 21.46
CA SER B 201 1.91 18.21 20.80
C SER B 201 1.25 18.08 19.46
N VAL B 202 0.81 19.20 18.89
CA VAL B 202 0.09 19.17 17.62
C VAL B 202 1.01 19.53 16.47
N ARG B 203 0.58 19.12 15.28
CA ARG B 203 1.25 19.53 14.05
C ARG B 203 0.22 20.13 13.10
N LEU B 204 0.69 21.05 12.26
CA LEU B 204 -0.10 21.69 11.22
C LEU B 204 -0.66 20.63 10.26
N PRO B 205 -1.82 20.89 9.65
CA PRO B 205 -2.29 20.00 8.59
C PRO B 205 -1.32 20.09 7.43
N ILE B 206 -1.07 18.99 6.74
CA ILE B 206 0.01 19.02 5.75
C ILE B 206 -0.29 19.96 4.59
N ASP B 207 -1.58 20.22 4.31
CA ASP B 207 -1.98 21.22 3.31
C ASP B 207 -1.40 22.63 3.58
N ASP B 208 -0.99 22.89 4.81
CA ASP B 208 -0.39 24.19 5.15
C ASP B 208 1.11 24.24 5.01
N VAL B 209 1.75 23.10 4.74
CA VAL B 209 3.19 23.03 4.71
C VAL B 209 3.76 22.46 3.43
N ARG B 210 2.96 21.83 2.56
CA ARG B 210 3.50 21.27 1.34
C ARG B 210 2.55 21.52 0.20
N GLU B 211 3.10 21.68 -1.01
CA GLU B 211 2.27 21.71 -2.19
C GLU B 211 2.95 21.07 -3.37
N PHE B 212 2.15 20.57 -4.30
CA PHE B 212 2.68 19.89 -5.48
C PHE B 212 2.80 20.88 -6.62
N LEU B 213 3.96 20.91 -7.28
CA LEU B 213 4.21 21.84 -8.39
C LEU B 213 4.62 21.12 -9.67
N GLN C 3 -14.63 -32.35 16.07
CA GLN C 3 -15.99 -32.79 15.63
C GLN C 3 -16.03 -32.84 14.11
N LYS C 4 -16.12 -34.05 13.55
CA LYS C 4 -16.25 -34.21 12.09
C LYS C 4 -17.61 -33.71 11.67
N LEU C 5 -17.67 -32.87 10.66
CA LEU C 5 -18.94 -32.33 10.21
C LEU C 5 -19.59 -33.32 9.26
N THR C 6 -20.91 -33.20 9.10
CA THR C 6 -21.66 -33.99 8.14
C THR C 6 -21.45 -33.45 6.73
N ARG C 7 -20.91 -34.31 5.87
CA ARG C 7 -20.65 -33.98 4.49
C ARG C 7 -21.86 -34.23 3.64
N ILE C 8 -21.86 -33.62 2.47
CA ILE C 8 -22.94 -33.74 1.50
C ILE C 8 -22.30 -34.18 0.18
N ASN C 9 -22.61 -35.40 -0.24
CA ASN C 9 -21.98 -36.02 -1.43
C ASN C 9 -22.78 -35.81 -2.73
N ASP C 10 -24.06 -35.54 -2.59
CA ASP C 10 -24.93 -35.39 -3.74
C ASP C 10 -24.87 -33.96 -4.30
N PHE C 11 -24.50 -33.86 -5.57
CA PHE C 11 -24.37 -32.55 -6.24
C PHE C 11 -25.57 -31.61 -6.11
N ASN C 12 -26.76 -32.10 -6.40
CA ASN C 12 -27.95 -31.28 -6.30
CA ASN C 12 -27.94 -31.25 -6.32
C ASN C 12 -28.19 -30.78 -4.88
N GLU C 13 -27.95 -31.65 -3.90
CA GLU C 13 -28.14 -31.25 -2.52
C GLU C 13 -27.14 -30.19 -2.10
N VAL C 14 -25.90 -30.31 -2.53
CA VAL C 14 -24.89 -29.28 -2.28
C VAL C 14 -25.35 -27.92 -2.80
N LEU C 15 -25.75 -27.89 -4.07
CA LEU C 15 -26.21 -26.64 -4.67
C LEU C 15 -27.41 -26.06 -3.92
N ASN C 16 -28.35 -26.92 -3.53
CA ASN C 16 -29.55 -26.48 -2.82
C ASN C 16 -29.26 -25.99 -1.42
N SER C 17 -28.16 -26.43 -0.85
CA SER C 17 -27.82 -26.14 0.53
C SER C 17 -26.90 -24.95 0.68
N ARG C 18 -26.38 -24.44 -0.43
CA ARG C 18 -25.45 -23.29 -0.39
C ARG C 18 -26.26 -22.03 -0.13
N LYS C 19 -26.09 -21.45 1.07
CA LYS C 19 -26.77 -20.23 1.50
C LYS C 19 -25.79 -19.37 2.30
N SER C 20 -26.07 -18.09 2.43
CA SER C 20 -25.20 -17.18 3.15
C SER C 20 -25.39 -17.32 4.64
N VAL C 21 -24.42 -17.94 5.31
CA VAL C 21 -24.44 -18.04 6.75
C VAL C 21 -23.64 -16.87 7.28
N LYS C 22 -24.15 -16.17 8.27
CA LYS C 22 -23.46 -14.96 8.79
C LYS C 22 -22.94 -15.00 10.21
N VAL C 23 -23.24 -16.09 10.93
CA VAL C 23 -22.71 -16.31 12.28
C VAL C 23 -22.11 -17.71 12.30
N PHE C 24 -20.80 -17.79 12.56
CA PHE C 24 -20.09 -19.05 12.65
C PHE C 24 -19.71 -19.46 14.07
N ASP C 25 -19.35 -20.73 14.23
CA ASP C 25 -18.86 -21.22 15.50
C ASP C 25 -17.44 -20.72 15.71
N GLU C 26 -17.27 -19.85 16.70
CA GLU C 26 -16.02 -19.12 16.97
C GLU C 26 -14.90 -20.02 17.44
N ASN C 27 -15.26 -21.19 17.95
CA ASN C 27 -14.28 -22.12 18.46
C ASN C 27 -13.95 -23.23 17.47
N TYR C 28 -14.54 -23.18 16.28
CA TYR C 28 -14.25 -24.22 15.28
C TYR C 28 -13.31 -23.68 14.26
N LYS C 29 -12.15 -24.31 14.13
CA LYS C 29 -11.14 -23.87 13.17
C LYS C 29 -10.88 -25.01 12.17
N ILE C 30 -10.86 -24.67 10.89
CA ILE C 30 -10.76 -25.67 9.82
C ILE C 30 -9.29 -26.12 9.77
N PRO C 31 -9.05 -27.43 9.85
CA PRO C 31 -7.66 -27.87 9.74
C PRO C 31 -7.02 -27.46 8.44
N ARG C 32 -5.76 -27.04 8.49
CA ARG C 32 -5.09 -26.49 7.33
C ARG C 32 -5.09 -27.42 6.14
N GLU C 33 -4.91 -28.72 6.37
CA GLU C 33 -4.92 -29.71 5.31
C GLU C 33 -6.28 -29.70 4.59
N GLU C 34 -7.36 -29.51 5.35
CA GLU C 34 -8.68 -29.48 4.75
C GLU C 34 -8.94 -28.17 4.02
N ASP C 36 -6.70 -26.56 2.48
CA ASP C 36 -5.93 -26.67 1.25
C ASP C 36 -6.59 -27.60 0.26
N GLU C 37 -7.22 -28.66 0.74
CA GLU C 37 -8.03 -29.51 -0.17
C GLU C 37 -9.19 -28.73 -0.79
N ILE C 38 -9.89 -27.92 0.00
CA ILE C 38 -11.01 -27.09 -0.50
C ILE C 38 -10.48 -26.14 -1.56
N ILE C 39 -9.36 -25.48 -1.27
CA ILE C 39 -8.81 -24.50 -2.22
C ILE C 39 -8.29 -25.14 -3.51
N THR C 40 -7.64 -26.30 -3.37
CA THR C 40 -7.23 -27.09 -4.52
C THR C 40 -8.39 -27.45 -5.40
N LYS C 41 -9.51 -27.90 -4.81
CA LYS C 41 -10.71 -28.21 -5.61
C LYS C 41 -11.29 -26.95 -6.25
N ALA C 42 -11.39 -25.87 -5.49
CA ALA C 42 -11.88 -24.58 -6.02
C ALA C 42 -11.11 -24.11 -7.26
N THR C 43 -9.79 -24.23 -7.21
CA THR C 43 -8.89 -23.70 -8.26
C THR C 43 -8.82 -24.58 -9.53
N LYS C 44 -9.55 -25.68 -9.54
CA LYS C 44 -9.83 -26.40 -10.80
C LYS C 44 -10.82 -25.66 -11.68
N ALA C 45 -11.34 -24.56 -11.18
CA ALA C 45 -12.20 -23.70 -12.00
C ALA C 45 -11.47 -23.23 -13.27
N PRO C 46 -12.25 -22.91 -14.31
CA PRO C 46 -11.64 -22.42 -15.55
C PRO C 46 -11.28 -20.94 -15.38
N SER C 47 -10.39 -20.47 -16.21
CA SER C 47 -10.04 -19.08 -16.29
C SER C 47 -9.61 -18.78 -17.70
N SER C 48 -9.71 -17.50 -18.07
CA SER C 48 -9.30 -17.06 -19.40
C SER C 48 -7.85 -17.46 -19.68
N VAL C 49 -7.63 -18.11 -20.82
CA VAL C 49 -6.34 -18.67 -21.24
C VAL C 49 -5.58 -19.44 -20.12
N ASN C 50 -6.34 -20.02 -19.19
CA ASN C 50 -5.79 -20.77 -18.06
C ASN C 50 -4.78 -20.00 -17.22
N GLN C 52 -5.31 -18.20 -14.46
CA GLN C 52 -5.46 -18.40 -13.01
C GLN C 52 -4.97 -17.22 -12.16
N PRO C 53 -5.60 -16.05 -12.32
CA PRO C 53 -5.15 -14.78 -11.73
C PRO C 53 -5.54 -14.60 -10.27
N TRP C 54 -6.30 -15.56 -9.73
CA TRP C 54 -6.78 -15.53 -8.37
C TRP C 54 -5.67 -15.71 -7.31
N ARG C 55 -5.78 -14.93 -6.22
CA ARG C 55 -4.85 -14.96 -5.11
C ARG C 55 -5.67 -14.83 -3.82
N ILE C 56 -5.62 -15.85 -2.96
CA ILE C 56 -6.45 -15.92 -1.75
C ILE C 56 -5.62 -15.64 -0.51
N ALA C 57 -6.00 -14.57 0.21
CA ALA C 57 -5.49 -14.27 1.54
C ALA C 57 -6.44 -14.92 2.51
N VAL C 58 -5.95 -15.95 3.17
CA VAL C 58 -6.73 -16.70 4.14
C VAL C 58 -6.49 -16.02 5.47
N VAL C 59 -7.39 -15.12 5.83
CA VAL C 59 -7.19 -14.32 7.04
C VAL C 59 -7.71 -15.09 8.24
N GLN C 60 -6.79 -15.63 9.07
CA GLN C 60 -7.23 -16.49 10.22
C GLN C 60 -6.70 -16.09 11.60
N SER C 61 -5.56 -15.40 11.66
CA SER C 61 -4.98 -14.98 12.93
C SER C 61 -5.81 -13.90 13.62
N ASP C 62 -5.75 -13.87 14.94
CA ASP C 62 -6.32 -12.77 15.69
C ASP C 62 -5.72 -11.46 15.20
N GLU C 63 -4.42 -11.47 14.95
CA GLU C 63 -3.73 -10.23 14.63
C GLU C 63 -4.24 -9.64 13.31
N LYS C 65 -6.99 -10.51 11.62
CA LYS C 65 -8.42 -10.20 11.75
C LYS C 65 -8.61 -8.85 12.41
N GLU C 66 -7.87 -8.55 13.48
CA GLU C 66 -8.00 -7.25 14.11
C GLU C 66 -7.61 -6.08 13.19
N LYS C 67 -6.52 -6.27 12.44
CA LYS C 67 -6.06 -5.26 11.48
C LYS C 67 -7.10 -4.98 10.39
N VAL C 68 -7.88 -5.97 9.96
CA VAL C 68 -8.86 -5.72 8.89
C VAL C 68 -10.29 -5.44 9.37
N LYS C 69 -10.50 -5.47 10.68
CA LYS C 69 -11.84 -5.35 11.27
C LYS C 69 -12.59 -4.10 10.81
N GLU C 70 -11.97 -2.93 10.91
CA GLU C 70 -12.64 -1.69 10.53
C GLU C 70 -13.05 -1.73 9.05
N SER C 71 -12.17 -2.26 8.19
CA SER C 71 -12.45 -2.39 6.76
C SER C 71 -13.67 -3.25 6.40
N PHE C 72 -14.09 -4.11 7.33
CA PHE C 72 -15.25 -4.99 7.09
C PHE C 72 -16.57 -4.40 7.55
N GLY C 73 -16.50 -3.22 8.18
CA GLY C 73 -17.70 -2.43 8.47
C GLY C 73 -18.77 -3.20 9.22
N PHE C 74 -19.98 -3.19 8.67
CA PHE C 74 -21.12 -3.90 9.26
C PHE C 74 -21.00 -5.42 9.14
N ASN C 75 -19.93 -5.91 8.49
CA ASN C 75 -19.67 -7.37 8.37
C ASN C 75 -18.71 -7.93 9.45
N SER C 76 -18.68 -7.27 10.62
CA SER C 76 -17.76 -7.64 11.68
C SER C 76 -18.08 -9.00 12.29
N ARG C 77 -19.36 -9.34 12.36
CA ARG C 77 -19.73 -10.61 12.96
C ARG C 77 -19.19 -11.79 12.16
N GLN C 78 -19.36 -11.75 10.82
CA GLN C 78 -18.79 -12.76 9.95
C GLN C 78 -17.28 -12.77 10.11
N LEU C 79 -16.67 -11.60 10.16
CA LEU C 79 -15.23 -11.54 10.27
C LEU C 79 -14.75 -12.17 11.55
N THR C 80 -15.31 -11.76 12.67
CA THR C 80 -14.84 -12.29 13.95
CA THR C 80 -14.92 -12.27 13.99
C THR C 80 -15.17 -13.78 14.19
N THR C 81 -16.36 -14.25 13.79
CA THR C 81 -16.74 -15.63 14.12
C THR C 81 -16.21 -16.69 13.16
N SER C 82 -15.89 -16.30 11.93
CA SER C 82 -15.44 -17.22 10.90
C SER C 82 -14.20 -17.98 11.30
N SER C 83 -14.05 -19.18 10.75
CA SER C 83 -12.80 -19.90 10.85
CA SER C 83 -12.80 -19.91 10.86
C SER C 83 -11.74 -19.16 10.06
N ALA C 84 -12.15 -18.58 8.92
CA ALA C 84 -11.30 -17.70 8.15
C ALA C 84 -12.13 -16.73 7.36
N LEU C 86 -11.69 -15.33 3.81
CA LEU C 86 -10.93 -15.42 2.58
C LEU C 86 -11.09 -14.12 1.80
N ILE C 87 -9.99 -13.45 1.49
CA ILE C 87 -10.06 -12.24 0.70
C ILE C 87 -9.40 -12.57 -0.63
N ILE C 88 -10.20 -12.57 -1.69
CA ILE C 88 -9.75 -12.99 -3.02
C ILE C 88 -9.37 -11.76 -3.84
N PHE C 89 -8.11 -11.73 -4.27
CA PHE C 89 -7.59 -10.68 -5.14
C PHE C 89 -7.39 -11.24 -6.53
N GLY C 90 -7.44 -10.36 -7.53
CA GLY C 90 -6.99 -10.67 -8.88
C GLY C 90 -5.63 -10.03 -9.17
N ASP C 91 -4.73 -10.84 -9.73
CA ASP C 91 -3.41 -10.38 -10.11
C ASP C 91 -3.47 -9.79 -11.52
N LEU C 92 -3.32 -8.46 -11.58
CA LEU C 92 -3.33 -7.69 -12.84
C LEU C 92 -2.11 -7.97 -13.74
N GLN C 93 -1.07 -8.58 -13.18
CA GLN C 93 0.12 -9.04 -13.89
C GLN C 93 0.20 -10.56 -13.86
N ASN C 94 -0.95 -11.20 -13.95
CA ASN C 94 -1.05 -12.66 -13.94
C ASN C 94 -0.23 -13.35 -15.05
N TYR C 95 0.03 -12.63 -16.12
CA TYR C 95 0.85 -13.13 -17.22
C TYR C 95 2.32 -13.41 -16.89
N GLU C 96 2.82 -12.90 -15.76
CA GLU C 96 4.16 -13.23 -15.31
CA GLU C 96 4.14 -13.22 -15.18
C GLU C 96 4.30 -14.73 -14.97
N LYS C 97 3.18 -15.41 -14.79
CA LYS C 97 3.17 -16.87 -14.53
C LYS C 97 2.88 -17.69 -15.80
N ALA C 98 2.74 -17.04 -16.96
CA ALA C 98 2.43 -17.75 -18.20
C ALA C 98 3.46 -18.80 -18.54
N GLU C 99 4.74 -18.44 -18.48
CA GLU C 99 5.79 -19.40 -18.81
C GLU C 99 5.76 -20.59 -17.87
N GLN C 100 5.59 -20.31 -16.57
CA GLN C 100 5.45 -21.37 -15.56
C GLN C 100 4.28 -22.31 -15.84
N ILE C 101 3.10 -21.75 -16.05
CA ILE C 101 1.89 -22.55 -16.27
C ILE C 101 1.96 -23.40 -17.56
N TYR C 102 2.32 -22.73 -18.64
CA TYR C 102 2.37 -23.40 -19.91
C TYR C 102 3.55 -24.38 -19.95
N GLY C 103 4.65 -24.03 -19.28
CA GLY C 103 5.74 -24.98 -19.10
C GLY C 103 5.27 -26.24 -18.39
N ASP C 104 4.45 -26.07 -17.36
CA ASP C 104 3.89 -27.22 -16.61
C ASP C 104 3.02 -28.12 -17.52
N ALA C 105 2.30 -27.51 -18.45
CA ALA C 105 1.46 -28.25 -19.38
C ALA C 105 2.30 -29.13 -20.29
N VAL C 106 3.47 -28.64 -20.74
CA VAL C 106 4.37 -29.47 -21.53
C VAL C 106 5.02 -30.61 -20.69
N GLU C 107 5.46 -30.26 -19.47
CA GLU C 107 6.04 -31.23 -18.55
C GLU C 107 5.07 -32.39 -18.27
N GLN C 108 3.77 -32.07 -18.20
CA GLN C 108 2.74 -33.04 -17.88
C GLN C 108 2.12 -33.66 -19.14
N GLN C 109 2.77 -33.47 -20.28
CA GLN C 109 2.45 -34.08 -21.57
CA GLN C 109 2.40 -34.17 -21.51
C GLN C 109 1.04 -33.74 -22.06
N LEU C 110 0.60 -32.54 -21.75
CA LEU C 110 -0.71 -32.05 -22.20
C LEU C 110 -0.62 -31.25 -23.49
N THR C 112 2.60 -30.11 -26.76
CA THR C 112 3.98 -30.05 -27.23
C THR C 112 4.49 -28.58 -27.19
N GLU C 113 5.82 -28.39 -27.23
CA GLU C 113 6.39 -27.05 -27.11
C GLU C 113 6.05 -26.10 -28.26
N ASP C 114 5.80 -26.64 -29.45
CA ASP C 114 5.39 -25.80 -30.60
C ASP C 114 4.04 -25.13 -30.35
N ILE C 115 3.08 -25.89 -29.80
CA ILE C 115 1.76 -25.40 -29.41
CA ILE C 115 1.77 -25.35 -29.47
C ILE C 115 1.89 -24.35 -28.29
N LYS C 116 2.69 -24.69 -27.28
CA LYS C 116 2.92 -23.77 -26.18
C LYS C 116 3.42 -22.42 -26.69
N ALA C 117 4.39 -22.45 -27.59
CA ALA C 117 5.03 -21.23 -28.10
C ALA C 117 4.04 -20.41 -28.94
N GLN C 118 3.24 -21.11 -29.74
CA GLN C 118 2.26 -20.45 -30.60
C GLN C 118 1.18 -19.78 -29.77
N LEU C 119 0.70 -20.47 -28.74
CA LEU C 119 -0.27 -19.90 -27.82
C LEU C 119 0.29 -18.67 -27.13
N LEU C 120 1.48 -18.78 -26.56
CA LEU C 120 2.07 -17.64 -25.84
C LEU C 120 2.36 -16.45 -26.80
N ASP C 121 2.69 -16.75 -28.05
CA ASP C 121 2.95 -15.72 -29.04
C ASP C 121 1.73 -14.84 -29.32
N TRP C 122 0.51 -15.34 -29.16
CA TRP C 122 -0.63 -14.42 -29.19
C TRP C 122 -1.19 -14.02 -27.83
N ILE C 123 -1.14 -14.90 -26.85
CA ILE C 123 -1.65 -14.55 -25.53
C ILE C 123 -0.87 -13.41 -24.85
N LEU C 124 0.46 -13.45 -24.89
CA LEU C 124 1.24 -12.49 -24.11
C LEU C 124 1.07 -11.05 -24.60
N PRO C 125 1.17 -10.82 -25.90
CA PRO C 125 0.91 -9.48 -26.39
C PRO C 125 -0.49 -8.99 -26.08
N TYR C 126 -1.46 -9.87 -26.17
CA TYR C 126 -2.82 -9.48 -25.90
C TYR C 126 -2.98 -9.05 -24.43
N TYR C 127 -2.55 -9.92 -23.52
CA TYR C 127 -2.63 -9.61 -22.08
C TYR C 127 -1.75 -8.43 -21.65
N LYS C 128 -0.57 -8.31 -22.24
CA LYS C 128 0.34 -7.23 -21.81
C LYS C 128 -0.10 -5.86 -22.29
N ASN C 129 -0.88 -5.81 -23.36
CA ASN C 129 -1.39 -4.55 -23.91
C ASN C 129 -2.84 -4.19 -23.49
N LEU C 130 -3.48 -4.99 -22.64
CA LEU C 130 -4.83 -4.64 -22.11
C LEU C 130 -4.71 -3.47 -21.13
N SER C 131 -5.70 -2.59 -21.16
CA SER C 131 -5.87 -1.54 -20.17
C SER C 131 -6.06 -2.12 -18.81
N ARG C 132 -5.73 -1.33 -17.81
CA ARG C 132 -6.02 -1.70 -16.44
C ARG C 132 -7.49 -2.08 -16.27
N GLU C 133 -8.42 -1.30 -16.83
CA GLU C 133 -9.84 -1.63 -16.68
C GLU C 133 -10.15 -2.96 -17.35
N GLY C 134 -9.67 -3.15 -18.57
CA GLY C 134 -9.83 -4.44 -19.25
C GLY C 134 -9.31 -5.65 -18.48
N LYS C 136 -8.80 -5.71 -15.17
CA LYS C 136 -9.71 -5.80 -14.02
C LYS C 136 -10.95 -6.63 -14.36
N ASP C 137 -11.53 -6.43 -15.54
CA ASP C 137 -12.70 -7.25 -15.92
C ASP C 137 -12.32 -8.73 -15.97
N ILE C 138 -11.18 -9.05 -16.59
CA ILE C 138 -10.74 -10.44 -16.73
C ILE C 138 -10.57 -11.07 -15.37
N VAL C 139 -9.84 -10.41 -14.48
CA VAL C 139 -9.55 -11.04 -13.20
C VAL C 139 -10.78 -11.09 -12.28
N ASN C 140 -11.72 -10.14 -12.38
CA ASN C 140 -12.97 -10.23 -11.60
C ASN C 140 -13.76 -11.47 -12.00
N ILE C 141 -13.85 -11.69 -13.31
CA ILE C 141 -14.63 -12.79 -13.83
C ILE C 141 -13.98 -14.12 -13.44
N ASP C 142 -12.67 -14.27 -13.67
CA ASP C 142 -12.00 -15.52 -13.39
C ASP C 142 -12.10 -15.83 -11.89
N SER C 143 -11.80 -14.84 -11.05
CA SER C 143 -11.74 -15.03 -9.60
C SER C 143 -13.11 -15.40 -9.02
N SER C 144 -14.17 -14.88 -9.63
CA SER C 144 -15.55 -15.16 -9.24
C SER C 144 -15.97 -16.58 -9.61
N LEU C 145 -15.55 -17.04 -10.80
CA LEU C 145 -15.75 -18.43 -11.17
C LEU C 145 -15.18 -19.36 -10.09
N ALA C 147 -14.41 -18.59 -6.96
CA ALA C 147 -15.14 -18.34 -5.72
C ALA C 147 -16.39 -19.18 -5.57
N GLN C 149 -17.08 -22.06 -7.09
CA GLN C 149 -16.67 -23.45 -6.86
C GLN C 149 -16.16 -23.67 -5.42
N LEU C 150 -15.51 -22.64 -4.83
CA LEU C 150 -15.05 -22.73 -3.45
C LEU C 150 -16.22 -22.82 -2.48
N LEU C 152 -19.19 -23.90 -3.09
CA LEU C 152 -19.87 -25.18 -3.23
C LEU C 152 -19.06 -26.30 -2.57
N THR C 153 -17.73 -26.28 -2.78
CA THR C 153 -16.87 -27.28 -2.20
C THR C 153 -16.91 -27.21 -0.69
N ALA C 154 -16.91 -26.00 -0.15
CA ALA C 154 -16.98 -25.80 1.30
C ALA C 154 -18.25 -26.47 1.84
N LYS C 155 -19.37 -26.25 1.15
CA LYS C 155 -20.64 -26.86 1.55
C LYS C 155 -20.58 -28.40 1.46
N ALA C 156 -20.00 -28.94 0.38
CA ALA C 156 -19.82 -30.39 0.28
C ALA C 156 -19.06 -30.92 1.49
N HIS C 157 -18.13 -30.12 2.00
CA HIS C 157 -17.40 -30.49 3.21
C HIS C 157 -18.13 -30.27 4.54
N GLY C 158 -19.34 -29.72 4.50
CA GLY C 158 -20.11 -29.50 5.73
C GLY C 158 -19.94 -28.10 6.33
N TYR C 159 -19.14 -27.26 5.68
CA TYR C 159 -18.94 -25.88 6.11
C TYR C 159 -19.98 -24.99 5.45
N ASP C 160 -20.03 -23.74 5.86
CA ASP C 160 -20.85 -22.75 5.18
C ASP C 160 -20.01 -21.51 4.94
N THR C 161 -20.50 -20.67 4.04
CA THR C 161 -19.81 -19.46 3.62
C THR C 161 -20.76 -18.29 3.54
N ASN C 162 -20.20 -17.10 3.39
CA ASN C 162 -20.96 -15.89 3.09
C ASN C 162 -20.08 -15.08 2.18
N PRO C 163 -20.46 -14.90 0.91
CA PRO C 163 -19.72 -14.00 0.04
C PRO C 163 -19.99 -12.56 0.46
N ILE C 164 -18.95 -11.75 0.42
CA ILE C 164 -18.99 -10.40 1.04
C ILE C 164 -18.33 -9.38 0.13
N GLY C 165 -19.05 -8.29 -0.14
CA GLY C 165 -18.57 -7.20 -1.00
C GLY C 165 -18.51 -5.90 -0.24
N GLY C 166 -19.12 -5.88 0.94
CA GLY C 166 -19.15 -4.69 1.77
C GLY C 166 -17.91 -4.56 2.63
N PHE C 167 -16.74 -4.43 1.99
CA PHE C 167 -15.50 -4.14 2.71
C PHE C 167 -14.73 -3.03 1.98
N ASP C 168 -13.77 -2.39 2.66
CA ASP C 168 -12.99 -1.28 2.07
C ASP C 168 -11.98 -1.74 1.03
N LYS C 169 -12.44 -1.83 -0.21
CA LYS C 169 -11.60 -2.30 -1.30
C LYS C 169 -10.51 -1.31 -1.72
N GLU C 170 -10.70 -0.04 -1.41
CA GLU C 170 -9.71 0.98 -1.69
C GLU C 170 -8.43 0.76 -0.86
N ASN C 171 -8.58 0.28 0.37
CA ASN C 171 -7.47 0.16 1.32
C ASN C 171 -7.05 -1.25 1.71
N ILE C 172 -7.82 -2.25 1.33
CA ILE C 172 -7.62 -3.58 1.89
C ILE C 172 -6.24 -4.16 1.54
N ALA C 173 -5.80 -3.98 0.31
CA ALA C 173 -4.48 -4.49 -0.10
C ALA C 173 -3.37 -3.92 0.73
N ASP C 174 -3.38 -2.61 0.88
CA ASP C 174 -2.40 -1.91 1.71
C ASP C 174 -2.44 -2.38 3.17
N ILE C 175 -3.65 -2.50 3.73
CA ILE C 175 -3.79 -2.94 5.12
C ILE C 175 -3.11 -4.31 5.32
N ILE C 176 -3.34 -5.24 4.41
CA ILE C 176 -2.75 -6.56 4.60
C ILE C 176 -1.30 -6.65 4.12
N GLY C 177 -0.78 -5.61 3.45
CA GLY C 177 0.60 -5.62 2.97
C GLY C 177 0.83 -6.05 1.52
N TYR C 178 -0.23 -6.23 0.74
CA TYR C 178 -0.11 -6.58 -0.68
C TYR C 178 0.01 -5.33 -1.52
N ASP C 179 0.67 -5.45 -2.66
CA ASP C 179 0.88 -4.33 -3.57
C ASP C 179 -0.41 -4.00 -4.29
N SER C 180 -1.01 -2.86 -3.93
CA SER C 180 -2.31 -2.48 -4.48
C SER C 180 -2.25 -2.08 -5.96
N ASP C 181 -1.06 -1.88 -6.50
CA ASP C 181 -0.94 -1.62 -7.92
C ASP C 181 -1.12 -2.90 -8.76
N ARG C 182 -0.72 -4.04 -8.18
CA ARG C 182 -0.79 -5.32 -8.86
C ARG C 182 -2.03 -6.12 -8.55
N TYR C 183 -2.50 -6.03 -7.31
CA TYR C 183 -3.60 -6.88 -6.85
C TYR C 183 -4.86 -6.10 -6.54
N VAL C 184 -5.97 -6.45 -7.19
CA VAL C 184 -7.24 -5.79 -6.91
C VAL C 184 -8.14 -6.77 -6.17
N PRO C 185 -8.81 -6.31 -5.11
CA PRO C 185 -9.73 -7.17 -4.39
C PRO C 185 -10.99 -7.41 -5.19
N VAL C 186 -11.45 -8.65 -5.23
CA VAL C 186 -12.57 -9.02 -6.03
C VAL C 186 -13.80 -9.20 -5.14
N LEU C 187 -13.69 -10.13 -4.19
CA LEU C 187 -14.70 -10.35 -3.17
C LEU C 187 -14.07 -11.10 -1.98
N ALA C 188 -14.79 -11.10 -0.85
CA ALA C 188 -14.37 -11.85 0.33
C ALA C 188 -15.36 -12.98 0.54
N ILE C 189 -14.91 -14.03 1.23
CA ILE C 189 -15.74 -15.18 1.57
C ILE C 189 -15.46 -15.57 3.02
N ALA C 190 -16.44 -15.37 3.89
CA ALA C 190 -16.32 -15.86 5.29
C ALA C 190 -16.61 -17.36 5.19
N ILE C 191 -15.83 -18.18 5.89
CA ILE C 191 -16.00 -19.63 5.91
C ILE C 191 -15.88 -20.16 7.31
N GLY C 192 -16.75 -21.11 7.66
CA GLY C 192 -16.63 -21.78 8.93
C GLY C 192 -17.73 -22.81 9.14
N LYS C 193 -17.84 -23.25 10.38
CA LYS C 193 -18.96 -24.11 10.79
C LYS C 193 -20.10 -23.20 11.23
N LYS C 194 -21.26 -23.42 10.64
CA LYS C 194 -22.46 -22.66 10.92
C LYS C 194 -22.81 -22.61 12.41
N ALA C 195 -23.13 -21.44 12.94
CA ALA C 195 -23.73 -21.30 14.26
C ALA C 195 -25.18 -20.82 14.19
N GLN C 196 -25.62 -20.30 13.04
CA GLN C 196 -27.00 -19.86 12.87
C GLN C 196 -27.43 -20.17 11.45
N ASP C 197 -28.66 -20.63 11.27
CA ASP C 197 -29.14 -20.99 9.95
C ASP C 197 -29.21 -19.71 9.11
N ALA C 198 -28.93 -19.87 7.82
CA ALA C 198 -29.11 -18.84 6.81
C ALA C 198 -30.62 -18.57 6.67
N HIS C 199 -30.99 -17.34 6.35
CA HIS C 199 -32.36 -17.10 5.91
C HIS C 199 -32.49 -17.63 4.50
N ASP C 200 -33.61 -18.25 4.18
CA ASP C 200 -33.94 -18.55 2.78
C ASP C 200 -34.21 -17.25 2.02
N SER C 201 -34.00 -17.28 0.72
CA SER C 201 -34.18 -16.12 -0.14
C SER C 201 -34.85 -16.51 -1.47
N VAL C 202 -35.42 -15.53 -2.16
CA VAL C 202 -36.15 -15.79 -3.40
C VAL C 202 -35.26 -15.55 -4.59
N ARG C 203 -35.66 -16.11 -5.73
CA ARG C 203 -35.06 -15.79 -7.03
C ARG C 203 -36.13 -15.40 -8.05
N LEU C 204 -35.71 -14.57 -9.00
CA LEU C 204 -36.59 -14.10 -10.07
C LEU C 204 -37.14 -15.30 -10.85
N PRO C 205 -38.35 -15.16 -11.40
CA PRO C 205 -38.83 -16.13 -12.36
C PRO C 205 -37.91 -16.18 -13.57
N ILE C 206 -37.81 -17.39 -14.10
N ILE C 206 -37.68 -17.36 -14.12
CA ILE C 206 -36.93 -17.72 -15.21
CA ILE C 206 -36.67 -17.45 -15.19
C ILE C 206 -37.18 -16.82 -16.42
C ILE C 206 -37.14 -16.75 -16.47
N ASP C 207 -38.43 -16.50 -16.65
CA ASP C 207 -38.87 -15.63 -17.76
C ASP C 207 -38.34 -14.19 -17.65
N ASP C 208 -37.95 -13.78 -16.43
CA ASP C 208 -37.34 -12.46 -16.26
C ASP C 208 -35.79 -12.44 -16.40
N VAL C 209 -35.18 -13.62 -16.60
CA VAL C 209 -33.73 -13.68 -16.72
C VAL C 209 -33.19 -14.32 -17.99
N ARG C 210 -33.98 -15.10 -18.73
CA ARG C 210 -33.45 -15.74 -19.94
C ARG C 210 -34.45 -15.73 -21.08
N GLU C 211 -33.96 -15.74 -22.31
CA GLU C 211 -34.81 -15.93 -23.48
C GLU C 211 -34.09 -16.75 -24.54
N PHE C 212 -34.86 -17.31 -25.43
CA PHE C 212 -34.36 -18.21 -26.48
C PHE C 212 -34.34 -17.45 -27.78
N LEU C 213 -33.21 -17.45 -28.48
CA LEU C 213 -33.06 -16.77 -29.77
C LEU C 213 -32.65 -17.74 -30.90
N GLN D 3 -22.97 -42.74 -27.68
CA GLN D 3 -22.71 -42.41 -26.25
C GLN D 3 -23.98 -41.89 -25.61
N LYS D 4 -24.61 -42.71 -24.75
CA LYS D 4 -25.74 -42.24 -23.94
C LYS D 4 -25.33 -40.96 -23.22
N LEU D 5 -26.28 -40.06 -23.11
N LEU D 5 -26.30 -40.08 -23.03
CA LEU D 5 -26.18 -38.96 -22.17
CA LEU D 5 -26.12 -38.91 -22.19
C LEU D 5 -26.08 -39.59 -20.78
C LEU D 5 -26.18 -39.37 -20.71
N THR D 6 -25.08 -39.19 -19.99
CA THR D 6 -24.90 -39.80 -18.67
C THR D 6 -24.89 -38.76 -17.54
N ARG D 7 -25.95 -38.76 -16.73
CA ARG D 7 -26.03 -37.90 -15.57
C ARG D 7 -24.97 -38.25 -14.52
N ILE D 8 -24.56 -37.26 -13.74
CA ILE D 8 -23.56 -37.42 -12.69
C ILE D 8 -24.14 -36.84 -11.40
N ASN D 9 -24.30 -37.71 -10.40
CA ASN D 9 -24.90 -37.31 -9.12
CA ASN D 9 -24.89 -37.41 -9.09
C ASN D 9 -23.88 -36.94 -8.03
N ASP D 10 -22.68 -37.46 -8.12
CA ASP D 10 -21.68 -37.22 -7.08
C ASP D 10 -20.96 -35.89 -7.26
N PHE D 11 -20.98 -35.09 -6.21
CA PHE D 11 -20.39 -33.76 -6.24
C PHE D 11 -18.94 -33.74 -6.76
N ASN D 12 -18.07 -34.54 -6.15
CA ASN D 12 -16.67 -34.60 -6.59
C ASN D 12 -16.52 -35.01 -8.05
N GLU D 13 -17.37 -35.93 -8.50
CA GLU D 13 -17.29 -36.40 -9.86
C GLU D 13 -17.75 -35.31 -10.84
N VAL D 14 -18.71 -34.48 -10.44
CA VAL D 14 -19.13 -33.35 -11.27
C VAL D 14 -17.99 -32.34 -11.39
N LEU D 15 -17.44 -31.91 -10.27
CA LEU D 15 -16.31 -30.99 -10.27
C LEU D 15 -15.13 -31.53 -11.09
N ASN D 16 -14.74 -32.77 -10.87
CA ASN D 16 -13.64 -33.37 -11.57
C ASN D 16 -13.83 -33.48 -13.10
N SER D 17 -15.07 -33.61 -13.55
CA SER D 17 -15.35 -33.81 -14.98
CA SER D 17 -15.36 -33.82 -14.97
C SER D 17 -15.66 -32.50 -15.69
N ARG D 18 -15.76 -31.41 -14.96
CA ARG D 18 -16.02 -30.10 -15.58
C ARG D 18 -14.77 -29.62 -16.31
N LYS D 19 -14.79 -29.69 -17.65
CA LYS D 19 -13.67 -29.32 -18.50
C LYS D 19 -14.19 -28.62 -19.78
N SER D 20 -13.31 -27.91 -20.49
CA SER D 20 -13.73 -27.15 -21.66
C SER D 20 -13.82 -28.08 -22.87
N VAL D 21 -15.04 -28.42 -23.26
CA VAL D 21 -15.30 -29.16 -24.49
C VAL D 21 -15.54 -28.15 -25.61
N LYS D 22 -14.90 -28.37 -26.75
CA LYS D 22 -14.97 -27.39 -27.84
C LYS D 22 -15.64 -27.91 -29.11
N VAL D 23 -16.04 -29.18 -29.13
CA VAL D 23 -16.77 -29.76 -30.25
C VAL D 23 -17.97 -30.52 -29.69
N PHE D 24 -19.16 -30.13 -30.13
CA PHE D 24 -20.39 -30.70 -29.61
C PHE D 24 -21.09 -31.46 -30.70
N ASP D 25 -22.08 -32.24 -30.30
CA ASP D 25 -22.85 -33.02 -31.23
C ASP D 25 -23.94 -32.12 -31.86
N GLU D 26 -23.85 -31.94 -33.18
CA GLU D 26 -24.76 -31.09 -33.93
C GLU D 26 -26.17 -31.67 -34.02
N ASN D 27 -26.30 -32.96 -33.79
CA ASN D 27 -27.60 -33.58 -33.87
C ASN D 27 -28.29 -33.69 -32.53
N TYR D 28 -27.68 -33.13 -31.48
CA TYR D 28 -28.28 -33.20 -30.16
C TYR D 28 -28.65 -31.81 -29.76
N LYS D 29 -29.93 -31.60 -29.52
CA LYS D 29 -30.41 -30.35 -28.96
C LYS D 29 -31.03 -30.61 -27.60
N ILE D 30 -30.71 -29.74 -26.65
CA ILE D 30 -31.18 -29.85 -25.28
C ILE D 30 -32.61 -29.39 -25.22
N PRO D 31 -33.53 -30.25 -24.72
CA PRO D 31 -34.93 -29.85 -24.60
C PRO D 31 -35.09 -28.59 -23.77
N ARG D 32 -36.02 -27.73 -24.17
CA ARG D 32 -36.19 -26.44 -23.48
C ARG D 32 -36.47 -26.66 -22.01
N GLU D 33 -37.23 -27.69 -21.68
CA GLU D 33 -37.61 -27.92 -20.29
C GLU D 33 -36.37 -28.21 -19.48
N GLU D 34 -35.45 -28.92 -20.08
CA GLU D 34 -34.19 -29.20 -19.41
C GLU D 34 -33.25 -27.99 -19.37
N ASP D 36 -34.26 -25.01 -19.08
CA ASP D 36 -34.85 -24.17 -18.03
C ASP D 36 -34.54 -24.70 -16.63
N GLU D 37 -34.46 -26.03 -16.47
CA GLU D 37 -34.09 -26.60 -15.19
C GLU D 37 -32.64 -26.25 -14.83
N ILE D 38 -31.77 -26.36 -15.81
CA ILE D 38 -30.37 -26.00 -15.64
C ILE D 38 -30.26 -24.53 -15.26
N ILE D 39 -30.99 -23.66 -15.95
CA ILE D 39 -30.90 -22.23 -15.66
C ILE D 39 -31.48 -21.85 -14.30
N THR D 40 -32.60 -22.49 -13.95
CA THR D 40 -33.21 -22.33 -12.63
C THR D 40 -32.22 -22.68 -11.51
N LYS D 41 -31.56 -23.82 -11.65
CA LYS D 41 -30.51 -24.24 -10.69
C LYS D 41 -29.35 -23.27 -10.63
N ALA D 42 -28.86 -22.84 -11.80
CA ALA D 42 -27.76 -21.85 -11.86
C ALA D 42 -28.09 -20.56 -11.14
N THR D 43 -29.32 -20.07 -11.30
CA THR D 43 -29.70 -18.79 -10.76
C THR D 43 -29.95 -18.83 -9.24
N LYS D 44 -29.81 -19.99 -8.63
CA LYS D 44 -29.78 -20.05 -7.16
C LYS D 44 -28.48 -19.51 -6.59
N ALA D 45 -27.54 -19.19 -7.46
CA ALA D 45 -26.30 -18.57 -7.08
C ALA D 45 -26.57 -17.31 -6.28
N PRO D 46 -25.58 -16.92 -5.43
CA PRO D 46 -25.75 -15.69 -4.66
C PRO D 46 -25.42 -14.50 -5.54
N SER D 47 -25.84 -13.32 -5.09
CA SER D 47 -25.53 -12.09 -5.74
C SER D 47 -25.62 -10.99 -4.70
N SER D 48 -24.90 -9.92 -4.96
CA SER D 48 -24.88 -8.77 -4.06
C SER D 48 -26.31 -8.27 -3.87
N VAL D 49 -26.68 -8.06 -2.61
CA VAL D 49 -28.03 -7.72 -2.15
C VAL D 49 -29.18 -8.48 -2.87
N ASN D 50 -28.88 -9.71 -3.25
CA ASN D 50 -29.81 -10.60 -3.94
C ASN D 50 -30.46 -9.96 -5.20
N GLN D 52 -29.46 -10.07 -8.39
CA GLN D 52 -29.60 -10.97 -9.54
C GLN D 52 -29.56 -10.23 -10.88
N PRO D 53 -28.41 -9.65 -11.23
CA PRO D 53 -28.35 -8.78 -12.40
C PRO D 53 -28.12 -9.51 -13.70
N TRP D 54 -28.07 -10.85 -13.66
CA TRP D 54 -27.73 -11.64 -14.81
C TRP D 54 -28.91 -11.82 -15.76
N ARG D 55 -28.61 -11.78 -17.06
CA ARG D 55 -29.61 -11.93 -18.11
C ARG D 55 -29.00 -12.82 -19.19
N ILE D 56 -29.69 -13.88 -19.59
CA ILE D 56 -29.13 -14.89 -20.50
C ILE D 56 -29.83 -14.91 -21.85
N ALA D 57 -29.06 -14.70 -22.92
CA ALA D 57 -29.53 -14.91 -24.30
C ALA D 57 -29.12 -16.33 -24.69
N VAL D 58 -30.11 -17.21 -24.88
CA VAL D 58 -29.86 -18.61 -25.19
C VAL D 58 -29.93 -18.67 -26.70
N VAL D 59 -28.77 -18.56 -27.32
CA VAL D 59 -28.67 -18.52 -28.80
C VAL D 59 -28.66 -19.93 -29.39
N GLN D 60 -29.82 -20.38 -29.84
CA GLN D 60 -29.98 -21.72 -30.40
C GLN D 60 -30.20 -21.78 -31.90
N SER D 61 -30.92 -20.80 -32.46
CA SER D 61 -31.27 -20.85 -33.87
C SER D 61 -30.06 -20.65 -34.78
N ASP D 62 -30.08 -21.25 -35.96
CA ASP D 62 -29.06 -21.00 -36.98
C ASP D 62 -29.09 -19.52 -37.38
N GLU D 63 -30.30 -18.95 -37.38
CA GLU D 63 -30.53 -17.52 -37.64
C GLU D 63 -29.66 -16.63 -36.77
N LYS D 65 -27.29 -17.59 -34.50
CA LYS D 65 -25.90 -18.02 -34.52
C LYS D 65 -25.17 -17.36 -35.71
N GLU D 66 -25.80 -17.35 -36.87
CA GLU D 66 -25.20 -16.76 -38.05
C GLU D 66 -24.96 -15.26 -37.86
N LYS D 67 -25.89 -14.57 -37.20
CA LYS D 67 -25.75 -13.15 -36.94
C LYS D 67 -24.57 -12.81 -36.03
N VAL D 68 -24.28 -13.68 -35.08
CA VAL D 68 -23.18 -13.48 -34.13
C VAL D 68 -21.85 -14.20 -34.49
N LYS D 69 -21.82 -14.94 -35.60
CA LYS D 69 -20.68 -15.81 -35.94
C LYS D 69 -19.38 -15.03 -36.04
N GLU D 70 -19.39 -13.94 -36.79
CA GLU D 70 -18.18 -13.13 -36.95
C GLU D 70 -17.73 -12.57 -35.59
N SER D 71 -18.66 -12.08 -34.77
CA SER D 71 -18.32 -11.62 -33.42
C SER D 71 -17.64 -12.66 -32.54
N PHE D 72 -17.79 -13.94 -32.86
CA PHE D 72 -17.13 -15.02 -32.09
C PHE D 72 -15.76 -15.45 -32.65
N GLY D 73 -15.35 -14.84 -33.76
CA GLY D 73 -13.99 -15.01 -34.27
C GLY D 73 -13.52 -16.44 -34.34
N PHE D 74 -12.43 -16.76 -33.67
CA PHE D 74 -11.87 -18.12 -33.74
C PHE D 74 -12.65 -19.17 -32.93
N ASN D 75 -13.72 -18.74 -32.22
CA ASN D 75 -14.59 -19.66 -31.49
C ASN D 75 -15.81 -20.10 -32.30
N SER D 76 -15.76 -20.02 -33.64
CA SER D 76 -16.90 -20.34 -34.47
C SER D 76 -17.33 -21.81 -34.38
N ARG D 77 -16.41 -22.71 -34.10
CA ARG D 77 -16.77 -24.12 -34.13
C ARG D 77 -17.55 -24.53 -32.88
N GLN D 78 -17.21 -23.92 -31.72
CA GLN D 78 -18.05 -24.01 -30.54
C GLN D 78 -19.43 -23.45 -30.83
N LEU D 79 -19.47 -22.28 -31.48
CA LEU D 79 -20.76 -21.67 -31.81
C LEU D 79 -21.58 -22.58 -32.72
N THR D 80 -20.98 -22.98 -33.84
CA THR D 80 -21.58 -23.85 -34.86
C THR D 80 -22.14 -25.14 -34.26
N THR D 81 -21.32 -25.90 -33.54
CA THR D 81 -21.70 -27.23 -33.09
C THR D 81 -22.57 -27.27 -31.83
N SER D 82 -22.54 -26.23 -31.00
CA SER D 82 -23.22 -26.21 -29.71
C SER D 82 -24.74 -26.43 -29.87
N SER D 83 -25.33 -26.99 -28.83
CA SER D 83 -26.77 -27.02 -28.69
CA SER D 83 -26.77 -27.00 -28.70
C SER D 83 -27.26 -25.58 -28.51
N ALA D 84 -26.53 -24.80 -27.70
CA ALA D 84 -26.79 -23.36 -27.53
C ALA D 84 -25.52 -22.64 -27.15
N LEU D 86 -24.81 -19.64 -24.80
CA LEU D 86 -25.42 -18.80 -23.78
C LEU D 86 -24.57 -17.55 -23.68
N ILE D 87 -25.17 -16.38 -23.89
CA ILE D 87 -24.43 -15.11 -23.77
C ILE D 87 -25.02 -14.41 -22.56
N ILE D 88 -24.18 -14.25 -21.54
CA ILE D 88 -24.60 -13.75 -20.23
C ILE D 88 -24.25 -12.26 -20.15
N PHE D 89 -25.28 -11.45 -19.97
CA PHE D 89 -25.16 -10.00 -19.79
C PHE D 89 -25.48 -9.61 -18.34
N GLY D 90 -24.91 -8.50 -17.88
CA GLY D 90 -25.27 -7.89 -16.61
C GLY D 90 -26.12 -6.65 -16.81
N ASP D 91 -27.25 -6.58 -16.12
CA ASP D 91 -28.11 -5.40 -16.11
C ASP D 91 -27.56 -4.35 -15.17
N LEU D 92 -27.06 -3.25 -15.74
CA LEU D 92 -26.52 -2.17 -14.94
C LEU D 92 -27.62 -1.39 -14.15
N GLN D 93 -28.89 -1.59 -14.49
CA GLN D 93 -30.02 -1.02 -13.73
C GLN D 93 -30.83 -2.13 -13.10
N ASN D 94 -30.10 -3.13 -12.60
CA ASN D 94 -30.69 -4.27 -11.93
C ASN D 94 -31.61 -3.92 -10.75
N TYR D 95 -31.34 -2.82 -10.08
CA TYR D 95 -32.18 -2.38 -8.96
C TYR D 95 -33.61 -2.04 -9.40
N GLU D 96 -33.86 -1.93 -10.69
CA GLU D 96 -35.23 -1.81 -11.16
C GLU D 96 -36.12 -2.99 -10.72
N LYS D 97 -35.51 -4.15 -10.49
CA LYS D 97 -36.29 -5.32 -10.03
C LYS D 97 -36.34 -5.51 -8.51
N ALA D 98 -35.82 -4.54 -7.75
CA ALA D 98 -35.79 -4.60 -6.28
C ALA D 98 -37.16 -4.84 -5.67
N GLU D 99 -38.13 -4.07 -6.13
CA GLU D 99 -39.51 -4.21 -5.66
C GLU D 99 -40.06 -5.59 -5.94
N GLN D 100 -39.87 -6.09 -7.16
CA GLN D 100 -40.34 -7.43 -7.49
C GLN D 100 -39.68 -8.46 -6.58
N ILE D 101 -38.36 -8.44 -6.53
CA ILE D 101 -37.59 -9.44 -5.76
C ILE D 101 -37.91 -9.41 -4.28
N TYR D 102 -37.82 -8.24 -3.69
CA TYR D 102 -38.01 -8.15 -2.26
C TYR D 102 -39.50 -8.32 -1.92
N GLY D 103 -40.39 -7.87 -2.81
CA GLY D 103 -41.81 -8.10 -2.64
C GLY D 103 -42.12 -9.59 -2.66
N ASP D 104 -41.36 -10.34 -3.47
CA ASP D 104 -41.55 -11.80 -3.55
C ASP D 104 -41.20 -12.42 -2.20
N ALA D 105 -40.14 -11.93 -1.57
CA ALA D 105 -39.73 -12.42 -0.25
C ALA D 105 -40.83 -12.21 0.80
N VAL D 106 -41.47 -11.05 0.73
CA VAL D 106 -42.59 -10.78 1.62
C VAL D 106 -43.79 -11.70 1.34
N GLU D 107 -44.14 -11.86 0.07
CA GLU D 107 -45.25 -12.70 -0.32
C GLU D 107 -44.99 -14.15 0.12
N GLN D 108 -43.74 -14.58 0.06
CA GLN D 108 -43.36 -15.97 0.38
C GLN D 108 -42.98 -16.16 1.86
N GLN D 109 -43.28 -15.14 2.66
CA GLN D 109 -43.14 -15.15 4.11
C GLN D 109 -41.69 -15.35 4.62
N LEU D 110 -40.74 -14.85 3.84
CA LEU D 110 -39.34 -14.90 4.18
C LEU D 110 -38.90 -13.63 4.89
N THR D 112 -40.81 -9.64 6.53
CA THR D 112 -41.95 -8.78 6.67
C THR D 112 -41.79 -7.59 5.72
N GLU D 113 -42.89 -6.94 5.41
CA GLU D 113 -42.84 -5.69 4.65
C GLU D 113 -42.00 -4.66 5.41
N ASP D 114 -42.10 -4.68 6.73
CA ASP D 114 -41.37 -3.76 7.60
C ASP D 114 -39.87 -3.87 7.32
N ILE D 115 -39.38 -5.11 7.26
CA ILE D 115 -37.97 -5.35 7.01
C ILE D 115 -37.61 -5.04 5.56
N LYS D 116 -38.48 -5.39 4.62
CA LYS D 116 -38.23 -5.06 3.21
C LYS D 116 -37.97 -3.56 3.08
N ALA D 117 -38.82 -2.71 3.68
CA ALA D 117 -38.70 -1.25 3.56
C ALA D 117 -37.39 -0.75 4.20
N GLN D 118 -37.02 -1.35 5.32
CA GLN D 118 -35.78 -0.97 6.02
C GLN D 118 -34.55 -1.36 5.20
N LEU D 119 -34.57 -2.54 4.59
CA LEU D 119 -33.47 -2.94 3.72
C LEU D 119 -33.36 -2.00 2.51
N LEU D 120 -34.47 -1.81 1.81
CA LEU D 120 -34.46 -1.06 0.55
C LEU D 120 -34.18 0.41 0.77
N ASP D 121 -34.50 0.93 1.95
CA ASP D 121 -34.17 2.32 2.29
C ASP D 121 -32.66 2.59 2.24
N TRP D 122 -31.82 1.62 2.58
CA TRP D 122 -30.38 1.79 2.37
C TRP D 122 -29.85 1.17 1.09
N ILE D 123 -30.39 0.03 0.67
CA ILE D 123 -29.90 -0.61 -0.53
C ILE D 123 -30.10 0.26 -1.78
N LEU D 124 -31.30 0.82 -1.97
CA LEU D 124 -31.62 1.51 -3.22
C LEU D 124 -30.73 2.75 -3.47
N PRO D 125 -30.55 3.65 -2.49
CA PRO D 125 -29.62 4.76 -2.70
C PRO D 125 -28.20 4.32 -2.96
N TYR D 126 -27.78 3.26 -2.29
CA TYR D 126 -26.45 2.74 -2.46
C TYR D 126 -26.22 2.32 -3.92
N TYR D 127 -27.10 1.45 -4.43
CA TYR D 127 -27.03 0.98 -5.80
C TYR D 127 -27.24 2.10 -6.82
N LYS D 128 -28.20 2.97 -6.58
CA LYS D 128 -28.45 4.05 -7.54
C LYS D 128 -27.29 5.02 -7.59
N ASN D 129 -26.52 5.15 -6.54
CA ASN D 129 -25.47 6.11 -6.58
C ASN D 129 -24.12 5.56 -7.06
N LEU D 130 -24.07 4.26 -7.37
CA LEU D 130 -22.84 3.64 -7.87
C LEU D 130 -22.45 4.18 -9.24
N SER D 131 -21.15 4.36 -9.50
CA SER D 131 -20.68 4.76 -10.81
C SER D 131 -20.93 3.63 -11.80
N ARG D 132 -20.85 3.93 -13.08
CA ARG D 132 -20.97 2.88 -14.09
C ARG D 132 -19.94 1.78 -13.88
N GLU D 133 -18.69 2.17 -13.61
CA GLU D 133 -17.59 1.22 -13.40
C GLU D 133 -17.84 0.36 -12.18
N GLY D 134 -18.25 0.97 -11.07
CA GLY D 134 -18.57 0.20 -9.87
C GLY D 134 -19.68 -0.81 -10.08
N LYS D 136 -20.57 -2.08 -13.08
CA LYS D 136 -20.05 -3.10 -14.00
C LYS D 136 -19.28 -4.16 -13.23
N ASP D 137 -18.46 -3.75 -12.27
CA ASP D 137 -17.76 -4.72 -11.43
C ASP D 137 -18.75 -5.62 -10.73
N ILE D 138 -19.79 -5.04 -10.12
CA ILE D 138 -20.81 -5.81 -9.40
C ILE D 138 -21.45 -6.86 -10.31
N VAL D 139 -21.88 -6.44 -11.49
CA VAL D 139 -22.62 -7.37 -12.35
C VAL D 139 -21.70 -8.44 -12.96
N ASN D 140 -20.44 -8.09 -13.23
CA ASN D 140 -19.46 -9.07 -13.69
C ASN D 140 -19.24 -10.19 -12.67
N ILE D 141 -19.04 -9.79 -11.42
CA ILE D 141 -18.88 -10.73 -10.33
C ILE D 141 -20.11 -11.62 -10.12
N ASP D 142 -21.29 -11.02 -9.95
CA ASP D 142 -22.52 -11.81 -9.74
C ASP D 142 -22.76 -12.78 -10.91
N SER D 143 -22.70 -12.26 -12.13
CA SER D 143 -23.01 -13.07 -13.32
C SER D 143 -22.04 -14.27 -13.49
N SER D 144 -20.80 -14.09 -13.06
CA SER D 144 -19.75 -15.11 -13.12
C SER D 144 -19.98 -16.18 -12.08
N LEU D 145 -20.45 -15.77 -10.92
CA LEU D 145 -20.85 -16.72 -9.89
C LEU D 145 -21.93 -17.67 -10.42
N ALA D 147 -22.61 -18.17 -13.60
CA ALA D 147 -22.02 -18.92 -14.72
C ALA D 147 -21.34 -20.20 -14.26
N GLN D 149 -21.84 -21.97 -11.48
CA GLN D 149 -22.90 -22.90 -11.08
C GLN D 149 -23.64 -23.48 -12.29
N LEU D 150 -23.81 -22.67 -13.34
CA LEU D 150 -24.43 -23.19 -14.58
C LEU D 150 -23.59 -24.30 -15.19
N LEU D 152 -21.37 -26.26 -13.78
CA LEU D 152 -21.39 -27.46 -12.95
C LEU D 152 -22.70 -28.19 -13.09
N THR D 153 -23.81 -27.47 -13.08
CA THR D 153 -25.13 -28.10 -13.22
C THR D 153 -25.27 -28.78 -14.58
N ALA D 154 -24.77 -28.10 -15.62
CA ALA D 154 -24.80 -28.65 -16.98
C ALA D 154 -24.07 -30.00 -17.00
N LYS D 155 -22.94 -30.06 -16.28
CA LYS D 155 -22.14 -31.28 -16.23
CA LYS D 155 -22.14 -31.28 -16.22
C LYS D 155 -22.88 -32.39 -15.48
N ALA D 156 -23.54 -32.04 -14.38
CA ALA D 156 -24.38 -33.01 -13.62
C ALA D 156 -25.49 -33.62 -14.49
N HIS D 157 -26.02 -32.82 -15.42
CA HIS D 157 -27.02 -33.25 -16.37
C HIS D 157 -26.44 -34.08 -17.52
N GLY D 158 -25.12 -34.21 -17.56
CA GLY D 158 -24.45 -35.00 -18.56
C GLY D 158 -23.97 -34.21 -19.80
N TYR D 159 -24.15 -32.91 -19.78
CA TYR D 159 -23.70 -32.05 -20.88
C TYR D 159 -22.28 -31.53 -20.56
N ASP D 160 -21.70 -30.78 -21.48
CA ASP D 160 -20.41 -30.17 -21.27
C ASP D 160 -20.49 -28.76 -21.77
N THR D 161 -19.53 -27.94 -21.32
CA THR D 161 -19.54 -26.54 -21.67
C THR D 161 -18.15 -26.05 -22.03
N ASN D 162 -18.08 -24.81 -22.53
CA ASN D 162 -16.85 -24.11 -22.78
C ASN D 162 -17.16 -22.66 -22.50
N PRO D 163 -16.57 -22.07 -21.42
CA PRO D 163 -16.72 -20.64 -21.19
C PRO D 163 -15.88 -19.88 -22.20
N ILE D 164 -16.38 -18.75 -22.66
CA ILE D 164 -15.77 -18.05 -23.76
C ILE D 164 -15.81 -16.56 -23.52
N GLY D 165 -14.64 -15.93 -23.62
CA GLY D 165 -14.54 -14.49 -23.56
C GLY D 165 -14.07 -13.87 -24.84
N GLY D 166 -13.67 -14.71 -25.80
CA GLY D 166 -13.11 -14.25 -27.07
C GLY D 166 -14.22 -13.95 -28.03
N PHE D 167 -15.09 -13.00 -27.64
CA PHE D 167 -16.12 -12.48 -28.51
C PHE D 167 -16.18 -10.96 -28.46
N ASP D 168 -16.79 -10.38 -29.47
CA ASP D 168 -16.78 -8.91 -29.66
C ASP D 168 -17.73 -8.27 -28.65
N LYS D 169 -17.20 -7.89 -27.50
CA LYS D 169 -18.04 -7.36 -26.44
C LYS D 169 -18.51 -5.94 -26.69
N GLU D 170 -17.85 -5.23 -27.61
CA GLU D 170 -18.21 -3.86 -27.94
C GLU D 170 -19.52 -3.80 -28.71
N ASN D 171 -19.77 -4.83 -29.52
CA ASN D 171 -20.86 -4.83 -30.49
C ASN D 171 -21.93 -5.90 -30.29
N ILE D 172 -21.70 -6.87 -29.41
CA ILE D 172 -22.63 -8.03 -29.30
C ILE D 172 -24.06 -7.66 -28.86
N ALA D 173 -24.20 -6.73 -27.92
CA ALA D 173 -25.54 -6.33 -27.48
C ALA D 173 -26.31 -5.77 -28.65
N ASP D 174 -25.68 -4.89 -29.40
CA ASP D 174 -26.28 -4.26 -30.56
C ASP D 174 -26.69 -5.29 -31.59
N ILE D 175 -25.81 -6.24 -31.86
CA ILE D 175 -26.10 -7.28 -32.84
C ILE D 175 -27.32 -8.10 -32.43
N ILE D 176 -27.41 -8.49 -31.18
CA ILE D 176 -28.55 -9.27 -30.74
C ILE D 176 -29.80 -8.45 -30.43
N GLY D 177 -29.67 -7.13 -30.31
CA GLY D 177 -30.81 -6.23 -30.08
C GLY D 177 -31.04 -5.73 -28.67
N TYR D 178 -30.06 -5.90 -27.78
CA TYR D 178 -30.18 -5.41 -26.41
C TYR D 178 -29.58 -4.00 -26.31
N ASP D 179 -30.07 -3.21 -25.38
CA ASP D 179 -29.59 -1.85 -25.18
C ASP D 179 -28.19 -1.91 -24.58
N SER D 180 -27.20 -1.46 -25.33
CA SER D 180 -25.81 -1.57 -24.94
C SER D 180 -25.44 -0.60 -23.81
N ASP D 181 -26.27 0.40 -23.54
CA ASP D 181 -26.08 1.32 -22.41
C ASP D 181 -26.41 0.66 -21.08
N ARG D 182 -27.34 -0.29 -21.10
CA ARG D 182 -27.84 -0.94 -19.90
C ARG D 182 -27.31 -2.37 -19.69
N TYR D 183 -27.11 -3.11 -20.77
CA TYR D 183 -26.71 -4.52 -20.67
C TYR D 183 -25.30 -4.72 -21.19
N VAL D 184 -24.42 -5.12 -20.29
CA VAL D 184 -23.02 -5.36 -20.63
C VAL D 184 -22.76 -6.86 -20.71
N PRO D 185 -22.08 -7.31 -21.78
CA PRO D 185 -21.75 -8.72 -21.91
C PRO D 185 -20.67 -9.10 -20.90
N VAL D 186 -20.85 -10.22 -20.20
CA VAL D 186 -19.89 -10.68 -19.21
C VAL D 186 -19.07 -11.87 -19.75
N LEU D 187 -19.78 -12.94 -20.07
CA LEU D 187 -19.20 -14.21 -20.52
CA LEU D 187 -19.16 -14.09 -20.72
C LEU D 187 -20.17 -14.96 -21.46
N ALA D 188 -19.64 -15.80 -22.34
CA ALA D 188 -20.45 -16.68 -23.15
C ALA D 188 -20.13 -18.08 -22.68
N ILE D 189 -21.09 -18.99 -22.83
CA ILE D 189 -20.91 -20.40 -22.43
C ILE D 189 -21.48 -21.25 -23.55
N ALA D 190 -20.64 -21.98 -24.26
CA ALA D 190 -21.13 -22.99 -25.24
C ALA D 190 -21.59 -24.18 -24.44
N ILE D 191 -22.74 -24.75 -24.82
CA ILE D 191 -23.27 -25.92 -24.13
C ILE D 191 -23.79 -26.93 -25.13
N GLY D 192 -23.59 -28.22 -24.83
CA GLY D 192 -24.16 -29.28 -25.65
C GLY D 192 -23.68 -30.62 -25.15
N LYS D 193 -23.95 -31.64 -25.95
CA LYS D 193 -23.44 -32.99 -25.72
C LYS D 193 -22.08 -33.10 -26.41
N LYS D 194 -21.06 -33.52 -25.65
CA LYS D 194 -19.72 -33.55 -26.23
C LYS D 194 -19.59 -34.50 -27.43
N ALA D 195 -18.85 -34.04 -28.43
CA ALA D 195 -18.51 -34.88 -29.57
C ALA D 195 -17.02 -35.22 -29.55
N GLN D 196 -16.26 -34.54 -28.72
CA GLN D 196 -14.82 -34.73 -28.64
C GLN D 196 -14.43 -34.49 -27.19
N ASP D 197 -13.55 -35.31 -26.63
CA ASP D 197 -13.15 -35.13 -25.23
C ASP D 197 -12.38 -33.85 -25.05
N ALA D 198 -12.52 -33.22 -23.88
CA ALA D 198 -11.74 -32.03 -23.56
C ALA D 198 -10.28 -32.41 -23.34
N HIS D 199 -9.35 -31.50 -23.64
CA HIS D 199 -7.95 -31.62 -23.22
C HIS D 199 -7.87 -31.37 -21.70
N ASP D 200 -7.09 -32.19 -21.00
CA ASP D 200 -6.78 -31.91 -19.60
C ASP D 200 -5.90 -30.66 -19.52
N SER D 201 -5.94 -29.96 -18.40
CA SER D 201 -5.11 -28.76 -18.19
C SER D 201 -4.47 -28.74 -16.82
N VAL D 202 -3.43 -27.92 -16.66
CA VAL D 202 -2.69 -27.84 -15.39
C VAL D 202 -3.17 -26.70 -14.57
N ARG D 203 -2.85 -26.75 -13.28
CA ARG D 203 -3.13 -25.67 -12.34
C ARG D 203 -1.86 -25.36 -11.55
N LEU D 204 -1.72 -24.11 -11.14
CA LEU D 204 -0.61 -23.67 -10.33
C LEU D 204 -0.53 -24.40 -9.02
N PRO D 205 0.68 -24.53 -8.47
CA PRO D 205 0.84 -25.02 -7.13
C PRO D 205 0.11 -24.11 -6.16
N ILE D 206 -0.42 -24.72 -5.11
CA ILE D 206 -1.24 -24.03 -4.15
C ILE D 206 -0.50 -22.84 -3.50
N ASP D 207 0.80 -22.95 -3.32
CA ASP D 207 1.60 -21.87 -2.75
C ASP D 207 1.60 -20.64 -3.62
N ASP D 208 1.34 -20.80 -4.91
CA ASP D 208 1.25 -19.67 -5.79
C ASP D 208 -0.08 -18.93 -5.75
N VAL D 209 -1.09 -19.49 -5.08
CA VAL D 209 -2.41 -18.89 -5.11
C VAL D 209 -3.07 -18.62 -3.75
N ARG D 210 -2.44 -19.06 -2.64
CA ARG D 210 -3.03 -18.78 -1.34
C ARG D 210 -1.94 -18.65 -0.31
N GLU D 211 -2.24 -17.90 0.74
CA GLU D 211 -1.33 -17.58 1.80
C GLU D 211 -2.16 -17.50 3.06
N PHE D 212 -1.70 -18.09 4.18
CA PHE D 212 -2.37 -17.90 5.45
C PHE D 212 -1.82 -16.66 6.17
N LEU D 213 -2.71 -15.85 6.72
CA LEU D 213 -2.36 -14.63 7.44
C LEU D 213 -2.98 -14.56 8.84
#